data_1WJI
#
_entry.id   1WJI
#
_entity_poly.entity_id   1
_entity_poly.type   'polypeptide(L)'
_entity_poly.pdbx_seq_one_letter_code
;GSSGSSGVDEKALKHITEMGFSKEASRQALMDNGNNLEAALNVLLTSNKQKPVMGPPSGPSSG
;
_entity_poly.pdbx_strand_id   A
#
# COMPACT_ATOMS: atom_id res chain seq x y z
N GLY A 1 -7.74 16.16 3.47
CA GLY A 1 -7.92 16.09 2.04
C GLY A 1 -8.42 17.39 1.45
N SER A 2 -8.26 17.55 0.14
CA SER A 2 -8.69 18.77 -0.54
C SER A 2 -9.84 18.48 -1.50
N SER A 3 -10.84 19.35 -1.50
CA SER A 3 -12.00 19.19 -2.36
C SER A 3 -12.69 17.86 -2.11
N GLY A 4 -12.79 17.48 -0.84
CA GLY A 4 -13.42 16.22 -0.49
C GLY A 4 -12.79 15.03 -1.20
N SER A 5 -12.03 14.24 -0.45
CA SER A 5 -11.37 13.07 -1.02
C SER A 5 -11.39 11.90 -0.05
N SER A 6 -11.28 10.69 -0.58
CA SER A 6 -11.30 9.48 0.24
C SER A 6 -10.33 9.61 1.41
N GLY A 7 -10.31 8.61 2.28
CA GLY A 7 -9.42 8.62 3.43
C GLY A 7 -8.02 8.17 3.09
N VAL A 8 -7.60 8.42 1.85
CA VAL A 8 -6.27 8.03 1.39
C VAL A 8 -5.49 9.25 0.90
N ASP A 9 -4.15 9.15 0.98
CA ASP A 9 -3.29 10.23 0.55
C ASP A 9 -2.76 9.98 -0.86
N GLU A 10 -3.46 10.54 -1.85
CA GLU A 10 -3.05 10.38 -3.24
C GLU A 10 -1.54 10.35 -3.38
N LYS A 11 -0.89 11.38 -2.85
CA LYS A 11 0.57 11.48 -2.91
C LYS A 11 1.22 10.15 -2.55
N ALA A 12 0.72 9.53 -1.47
CA ALA A 12 1.25 8.25 -1.02
C ALA A 12 0.82 7.12 -1.95
N LEU A 13 -0.39 7.21 -2.46
CA LEU A 13 -0.92 6.20 -3.37
C LEU A 13 -0.07 6.08 -4.63
N LYS A 14 -0.04 7.16 -5.41
CA LYS A 14 0.75 7.18 -6.64
C LYS A 14 2.14 6.61 -6.41
N HIS A 15 2.90 7.23 -5.51
CA HIS A 15 4.25 6.77 -5.19
C HIS A 15 4.31 5.25 -5.14
N ILE A 16 3.27 4.65 -4.57
CA ILE A 16 3.20 3.19 -4.46
C ILE A 16 2.83 2.55 -5.79
N THR A 17 1.76 3.06 -6.39
CA THR A 17 1.29 2.54 -7.68
C THR A 17 2.44 2.38 -8.66
N GLU A 18 3.40 3.29 -8.60
CA GLU A 18 4.55 3.26 -9.49
C GLU A 18 5.18 1.87 -9.50
N MET A 19 5.11 1.18 -8.37
CA MET A 19 5.67 -0.16 -8.25
C MET A 19 4.65 -1.22 -8.65
N GLY A 20 3.71 -0.83 -9.51
CA GLY A 20 2.69 -1.75 -9.96
C GLY A 20 1.78 -2.22 -8.83
N PHE A 21 0.91 -1.32 -8.39
CA PHE A 21 -0.02 -1.65 -7.29
C PHE A 21 -1.41 -1.10 -7.59
N SER A 22 -2.34 -1.99 -7.92
CA SER A 22 -3.71 -1.59 -8.23
C SER A 22 -4.15 -0.45 -7.34
N LYS A 23 -4.63 0.63 -7.96
CA LYS A 23 -5.09 1.79 -7.22
C LYS A 23 -6.03 1.39 -6.08
N GLU A 24 -6.89 0.41 -6.34
CA GLU A 24 -7.83 -0.07 -5.34
C GLU A 24 -7.09 -0.70 -4.16
N ALA A 25 -6.02 -1.43 -4.46
CA ALA A 25 -5.21 -2.08 -3.43
C ALA A 25 -4.47 -1.05 -2.59
N SER A 26 -3.65 -0.23 -3.26
CA SER A 26 -2.87 0.79 -2.57
C SER A 26 -3.77 1.77 -1.86
N ARG A 27 -4.88 2.13 -2.49
CA ARG A 27 -5.83 3.07 -1.92
C ARG A 27 -6.30 2.59 -0.55
N GLN A 28 -7.05 1.48 -0.55
CA GLN A 28 -7.57 0.92 0.70
C GLN A 28 -6.46 0.76 1.73
N ALA A 29 -5.41 0.02 1.36
CA ALA A 29 -4.29 -0.21 2.26
C ALA A 29 -3.93 1.06 3.02
N LEU A 30 -3.52 2.09 2.28
CA LEU A 30 -3.14 3.36 2.89
C LEU A 30 -4.17 3.80 3.93
N MET A 31 -5.44 3.76 3.55
CA MET A 31 -6.52 4.15 4.44
C MET A 31 -6.57 3.23 5.66
N ASP A 32 -6.24 1.97 5.46
CA ASP A 32 -6.24 1.00 6.54
C ASP A 32 -5.08 1.25 7.50
N ASN A 33 -3.91 1.56 6.94
CA ASN A 33 -2.73 1.82 7.74
C ASN A 33 -2.60 3.31 8.06
N GLY A 34 -3.74 3.99 8.13
CA GLY A 34 -3.73 5.41 8.43
C GLY A 34 -2.83 6.20 7.50
N ASN A 35 -3.18 6.23 6.22
CA ASN A 35 -2.39 6.95 5.22
C ASN A 35 -0.89 6.73 5.45
N ASN A 36 -0.53 5.47 5.72
CA ASN A 36 0.86 5.12 5.96
C ASN A 36 1.57 4.79 4.65
N LEU A 37 2.41 5.71 4.19
CA LEU A 37 3.14 5.52 2.94
C LEU A 37 3.86 4.18 2.94
N GLU A 38 4.61 3.91 4.01
CA GLU A 38 5.35 2.66 4.13
C GLU A 38 4.40 1.49 4.40
N ALA A 39 3.79 1.49 5.57
CA ALA A 39 2.86 0.43 5.94
C ALA A 39 2.04 -0.03 4.74
N ALA A 40 1.62 0.92 3.91
CA ALA A 40 0.83 0.62 2.72
C ALA A 40 1.43 -0.56 1.96
N LEU A 41 2.62 -0.36 1.41
CA LEU A 41 3.30 -1.42 0.65
C LEU A 41 3.32 -2.73 1.44
N ASN A 42 3.88 -2.68 2.64
CA ASN A 42 3.96 -3.86 3.49
C ASN A 42 2.72 -4.74 3.31
N VAL A 43 1.55 -4.14 3.48
CA VAL A 43 0.29 -4.87 3.34
C VAL A 43 0.11 -5.37 1.92
N LEU A 44 0.17 -4.45 0.96
CA LEU A 44 0.01 -4.80 -0.45
C LEU A 44 0.92 -5.97 -0.83
N LEU A 45 2.06 -6.07 -0.16
CA LEU A 45 3.02 -7.13 -0.42
C LEU A 45 2.66 -8.40 0.37
N THR A 46 2.74 -8.31 1.69
CA THR A 46 2.43 -9.43 2.56
C THR A 46 1.29 -10.27 1.97
N SER A 47 0.21 -9.59 1.59
CA SER A 47 -0.95 -10.27 1.02
C SER A 47 -0.62 -10.89 -0.33
N ASN A 48 0.08 -10.14 -1.16
CA ASN A 48 0.47 -10.62 -2.49
C ASN A 48 1.56 -11.66 -2.38
N LYS A 49 1.46 -12.71 -3.20
CA LYS A 49 2.44 -13.78 -3.21
C LYS A 49 3.81 -13.27 -3.60
N GLN A 50 4.55 -12.73 -2.63
CA GLN A 50 5.88 -12.20 -2.88
C GLN A 50 6.80 -12.48 -1.70
N LYS A 51 8.09 -12.65 -1.99
CA LYS A 51 9.09 -12.92 -0.95
C LYS A 51 9.78 -11.63 -0.52
N PRO A 52 10.10 -11.53 0.77
CA PRO A 52 10.78 -10.36 1.33
C PRO A 52 12.23 -10.25 0.87
N VAL A 53 12.56 -9.14 0.24
CA VAL A 53 13.92 -8.91 -0.25
C VAL A 53 14.61 -7.79 0.53
N MET A 54 15.38 -8.17 1.53
CA MET A 54 16.11 -7.21 2.35
C MET A 54 17.60 -7.24 2.06
N GLY A 55 17.99 -6.64 0.94
CA GLY A 55 19.38 -6.61 0.55
C GLY A 55 20.10 -7.91 0.87
N PRO A 56 21.44 -7.83 0.99
CA PRO A 56 22.27 -9.00 1.31
C PRO A 56 22.07 -9.48 2.75
N PRO A 57 22.30 -10.79 2.97
CA PRO A 57 22.16 -11.40 4.29
C PRO A 57 23.24 -10.93 5.26
N SER A 58 22.86 -10.05 6.17
CA SER A 58 23.81 -9.52 7.15
C SER A 58 23.84 -10.41 8.40
N GLY A 59 22.69 -10.96 8.76
CA GLY A 59 22.60 -11.82 9.92
C GLY A 59 23.00 -11.11 11.19
N PRO A 60 22.36 -11.47 12.31
CA PRO A 60 22.62 -10.87 13.62
C PRO A 60 23.99 -11.28 14.17
N SER A 61 24.26 -12.58 14.18
CA SER A 61 25.53 -13.10 14.67
C SER A 61 25.92 -14.38 13.94
N SER A 62 27.22 -14.59 13.80
CA SER A 62 27.72 -15.78 13.12
C SER A 62 27.68 -17.00 14.04
N GLY A 63 26.58 -17.74 13.99
CA GLY A 63 26.43 -18.92 14.83
C GLY A 63 27.33 -20.06 14.39
N GLY A 1 -9.35 18.35 -12.42
CA GLY A 1 -8.68 18.17 -11.14
C GLY A 1 -8.70 19.43 -10.30
N SER A 2 -9.88 20.03 -10.18
CA SER A 2 -10.04 21.25 -9.40
C SER A 2 -10.25 20.93 -7.92
N SER A 3 -11.33 20.20 -7.63
CA SER A 3 -11.64 19.82 -6.25
C SER A 3 -10.54 18.96 -5.66
N GLY A 4 -10.64 18.68 -4.36
CA GLY A 4 -9.65 17.87 -3.69
C GLY A 4 -10.18 17.23 -2.42
N SER A 5 -10.63 15.98 -2.52
CA SER A 5 -11.18 15.26 -1.38
C SER A 5 -10.95 13.76 -1.53
N SER A 6 -10.23 13.18 -0.56
CA SER A 6 -9.95 11.75 -0.57
C SER A 6 -9.29 11.31 0.74
N GLY A 7 -9.82 10.24 1.32
CA GLY A 7 -9.29 9.74 2.57
C GLY A 7 -7.83 9.31 2.44
N VAL A 8 -7.51 8.66 1.33
CA VAL A 8 -6.15 8.20 1.09
C VAL A 8 -5.24 9.34 0.63
N ASP A 9 -3.99 9.30 1.06
CA ASP A 9 -3.03 10.34 0.69
C ASP A 9 -2.50 10.09 -0.72
N GLU A 10 -3.11 10.74 -1.70
CA GLU A 10 -2.70 10.61 -3.09
C GLU A 10 -1.18 10.48 -3.20
N LYS A 11 -0.47 11.44 -2.64
CA LYS A 11 0.98 11.43 -2.67
C LYS A 11 1.53 10.05 -2.34
N ALA A 12 0.96 9.42 -1.32
CA ALA A 12 1.39 8.08 -0.92
C ALA A 12 0.82 7.02 -1.84
N LEU A 13 -0.42 7.21 -2.27
CA LEU A 13 -1.08 6.26 -3.16
C LEU A 13 -0.31 6.10 -4.46
N LYS A 14 -0.08 7.21 -5.15
CA LYS A 14 0.67 7.19 -6.41
C LYS A 14 2.03 6.52 -6.22
N HIS A 15 2.84 7.10 -5.33
CA HIS A 15 4.17 6.57 -5.06
C HIS A 15 4.16 5.04 -5.07
N ILE A 16 3.04 4.46 -4.63
CA ILE A 16 2.90 3.01 -4.59
C ILE A 16 2.52 2.45 -5.96
N THR A 17 1.38 2.91 -6.48
CA THR A 17 0.90 2.46 -7.77
C THR A 17 2.03 2.43 -8.80
N GLU A 18 3.02 3.28 -8.60
CA GLU A 18 4.16 3.34 -9.51
C GLU A 18 4.90 2.01 -9.55
N MET A 19 5.17 1.46 -8.37
CA MET A 19 5.87 0.18 -8.27
C MET A 19 5.13 -0.91 -9.03
N GLY A 20 3.82 -0.72 -9.18
CA GLY A 20 3.01 -1.71 -9.89
C GLY A 20 1.90 -2.28 -9.03
N PHE A 21 0.98 -1.41 -8.61
CA PHE A 21 -0.14 -1.84 -7.78
C PHE A 21 -1.45 -1.25 -8.29
N SER A 22 -2.55 -1.94 -8.00
CA SER A 22 -3.87 -1.49 -8.43
C SER A 22 -4.33 -0.29 -7.61
N LYS A 23 -4.58 0.82 -8.29
CA LYS A 23 -5.03 2.05 -7.62
C LYS A 23 -5.98 1.72 -6.48
N GLU A 24 -6.96 0.87 -6.75
CA GLU A 24 -7.93 0.47 -5.74
C GLU A 24 -7.25 -0.21 -4.57
N ALA A 25 -6.43 -1.21 -4.86
CA ALA A 25 -5.71 -1.94 -3.83
C ALA A 25 -4.92 -0.99 -2.93
N SER A 26 -4.13 -0.12 -3.55
CA SER A 26 -3.32 0.84 -2.80
C SER A 26 -4.20 1.75 -1.96
N ARG A 27 -5.20 2.36 -2.60
CA ARG A 27 -6.11 3.26 -1.92
C ARG A 27 -6.57 2.66 -0.58
N GLN A 28 -7.16 1.47 -0.65
CA GLN A 28 -7.65 0.80 0.55
C GLN A 28 -6.51 0.53 1.53
N ALA A 29 -5.46 -0.12 1.05
CA ALA A 29 -4.30 -0.43 1.89
C ALA A 29 -3.94 0.75 2.77
N LEU A 30 -3.60 1.87 2.14
CA LEU A 30 -3.22 3.07 2.88
C LEU A 30 -4.33 3.48 3.85
N MET A 31 -5.55 3.61 3.33
CA MET A 31 -6.69 4.00 4.15
C MET A 31 -6.81 3.10 5.37
N ASP A 32 -6.24 1.90 5.28
CA ASP A 32 -6.28 0.94 6.37
C ASP A 32 -5.10 1.12 7.31
N ASN A 33 -3.98 1.57 6.75
CA ASN A 33 -2.77 1.80 7.54
C ASN A 33 -2.59 3.28 7.86
N GLY A 34 -3.71 3.98 7.99
CA GLY A 34 -3.66 5.40 8.30
C GLY A 34 -2.80 6.18 7.33
N ASN A 35 -3.08 6.00 6.03
CA ASN A 35 -2.33 6.70 5.00
C ASN A 35 -0.83 6.55 5.22
N ASN A 36 -0.39 5.33 5.50
CA ASN A 36 1.02 5.06 5.74
C ASN A 36 1.75 4.75 4.43
N LEU A 37 2.54 5.71 3.97
CA LEU A 37 3.30 5.54 2.73
C LEU A 37 4.03 4.21 2.71
N GLU A 38 4.82 3.95 3.74
CA GLU A 38 5.58 2.71 3.84
C GLU A 38 4.66 1.54 4.21
N ALA A 39 4.14 1.57 5.43
CA ALA A 39 3.24 0.53 5.90
C ALA A 39 2.34 0.03 4.77
N ALA A 40 1.80 0.96 3.99
CA ALA A 40 0.92 0.62 2.88
C ALA A 40 1.44 -0.58 2.11
N LEU A 41 2.59 -0.41 1.46
CA LEU A 41 3.20 -1.49 0.69
C LEU A 41 3.28 -2.77 1.51
N ASN A 42 3.97 -2.69 2.65
CA ASN A 42 4.12 -3.85 3.53
C ASN A 42 2.87 -4.73 3.49
N VAL A 43 1.72 -4.12 3.76
CA VAL A 43 0.45 -4.84 3.76
C VAL A 43 0.16 -5.43 2.38
N LEU A 44 0.40 -4.65 1.34
CA LEU A 44 0.16 -5.09 -0.03
C LEU A 44 1.04 -6.29 -0.37
N LEU A 45 2.25 -6.30 0.17
CA LEU A 45 3.19 -7.39 -0.08
C LEU A 45 2.92 -8.56 0.86
N THR A 46 3.14 -8.34 2.16
CA THR A 46 2.92 -9.37 3.16
C THR A 46 1.75 -10.27 2.77
N SER A 47 0.71 -9.67 2.20
CA SER A 47 -0.48 -10.40 1.78
C SER A 47 -0.21 -11.17 0.49
N ASN A 48 0.18 -10.45 -0.55
CA ASN A 48 0.46 -11.06 -1.84
C ASN A 48 1.77 -11.86 -1.80
N LYS A 49 2.03 -12.61 -2.86
CA LYS A 49 3.24 -13.42 -2.94
C LYS A 49 4.44 -12.55 -3.31
N GLN A 50 5.13 -12.04 -2.30
CA GLN A 50 6.31 -11.21 -2.51
C GLN A 50 7.12 -11.70 -3.70
N LYS A 51 7.85 -10.79 -4.33
CA LYS A 51 8.68 -11.14 -5.48
C LYS A 51 10.16 -10.93 -5.17
N PRO A 52 11.02 -11.77 -5.77
CA PRO A 52 12.47 -11.70 -5.58
C PRO A 52 13.08 -10.46 -6.23
N VAL A 53 13.76 -9.66 -5.43
CA VAL A 53 14.40 -8.45 -5.93
C VAL A 53 15.66 -8.77 -6.71
N MET A 54 15.68 -8.37 -7.99
CA MET A 54 16.82 -8.62 -8.85
C MET A 54 17.89 -7.54 -8.66
N GLY A 55 18.95 -7.89 -7.92
CA GLY A 55 20.02 -6.95 -7.67
C GLY A 55 20.74 -7.21 -6.37
N PRO A 56 21.85 -6.49 -6.15
CA PRO A 56 22.66 -6.64 -4.92
C PRO A 56 21.94 -6.11 -3.68
N PRO A 57 22.44 -6.50 -2.50
CA PRO A 57 21.86 -6.07 -1.23
C PRO A 57 22.08 -4.59 -0.95
N SER A 58 21.16 -3.76 -1.44
CA SER A 58 21.25 -2.33 -1.25
C SER A 58 20.06 -1.81 -0.45
N GLY A 59 20.09 -0.51 -0.12
CA GLY A 59 19.00 0.08 0.64
C GLY A 59 18.37 1.26 -0.08
N PRO A 60 17.46 0.96 -1.02
CA PRO A 60 16.77 1.98 -1.79
C PRO A 60 15.77 2.78 -0.95
N SER A 61 16.16 3.98 -0.57
CA SER A 61 15.31 4.84 0.25
C SER A 61 15.60 6.31 -0.03
N SER A 62 14.66 6.98 -0.68
CA SER A 62 14.82 8.40 -1.02
C SER A 62 13.52 8.97 -1.60
N GLY A 63 13.51 10.28 -1.81
CA GLY A 63 12.33 10.92 -2.37
C GLY A 63 12.67 12.21 -3.10
N GLY A 1 -16.28 13.64 11.98
CA GLY A 1 -15.17 12.93 11.38
C GLY A 1 -15.10 13.10 9.88
N SER A 2 -15.34 12.01 9.15
CA SER A 2 -15.31 12.06 7.69
C SER A 2 -15.90 13.35 7.17
N SER A 3 -15.04 14.26 6.71
CA SER A 3 -15.49 15.54 6.18
C SER A 3 -16.19 15.37 4.84
N GLY A 4 -15.62 14.54 3.98
CA GLY A 4 -16.21 14.31 2.67
C GLY A 4 -15.31 13.48 1.77
N SER A 5 -14.10 13.97 1.55
CA SER A 5 -13.13 13.28 0.69
C SER A 5 -12.70 11.96 1.32
N SER A 6 -11.97 11.16 0.54
CA SER A 6 -11.50 9.86 1.02
C SER A 6 -10.49 10.04 2.17
N GLY A 7 -10.04 8.92 2.72
CA GLY A 7 -9.09 8.96 3.81
C GLY A 7 -7.72 8.45 3.41
N VAL A 8 -7.27 8.84 2.22
CA VAL A 8 -5.97 8.41 1.72
C VAL A 8 -5.17 9.59 1.17
N ASP A 9 -3.85 9.47 1.20
CA ASP A 9 -2.97 10.52 0.72
C ASP A 9 -2.50 10.23 -0.70
N GLU A 10 -3.18 10.83 -1.68
CA GLU A 10 -2.82 10.62 -3.09
C GLU A 10 -1.30 10.58 -3.26
N LYS A 11 -0.63 11.61 -2.76
CA LYS A 11 0.82 11.69 -2.87
C LYS A 11 1.47 10.36 -2.51
N ALA A 12 1.01 9.76 -1.41
CA ALA A 12 1.55 8.49 -0.96
C ALA A 12 1.06 7.35 -1.84
N LEU A 13 -0.18 7.43 -2.28
CA LEU A 13 -0.77 6.40 -3.13
C LEU A 13 0.01 6.27 -4.44
N LYS A 14 0.06 7.35 -5.21
CA LYS A 14 0.77 7.36 -6.47
C LYS A 14 2.16 6.74 -6.33
N HIS A 15 2.95 7.28 -5.41
CA HIS A 15 4.29 6.77 -5.16
C HIS A 15 4.32 5.26 -5.18
N ILE A 16 3.26 4.64 -4.64
CA ILE A 16 3.16 3.18 -4.59
C ILE A 16 2.71 2.63 -5.93
N THR A 17 1.52 3.03 -6.37
CA THR A 17 0.97 2.57 -7.64
C THR A 17 2.06 2.45 -8.70
N GLU A 18 3.03 3.36 -8.65
CA GLU A 18 4.12 3.35 -9.62
C GLU A 18 4.81 1.99 -9.63
N MET A 19 5.10 1.46 -8.45
CA MET A 19 5.76 0.16 -8.33
C MET A 19 4.97 -0.92 -9.05
N GLY A 20 3.66 -0.68 -9.21
CA GLY A 20 2.81 -1.65 -9.89
C GLY A 20 1.76 -2.23 -8.96
N PHE A 21 0.93 -1.34 -8.39
CA PHE A 21 -0.13 -1.77 -7.49
C PHE A 21 -1.48 -1.20 -7.92
N SER A 22 -2.52 -2.02 -7.81
CA SER A 22 -3.87 -1.60 -8.19
C SER A 22 -4.32 -0.42 -7.35
N LYS A 23 -4.83 0.61 -8.02
CA LYS A 23 -5.31 1.81 -7.33
C LYS A 23 -6.18 1.44 -6.14
N GLU A 24 -6.97 0.38 -6.28
CA GLU A 24 -7.85 -0.08 -5.22
C GLU A 24 -7.04 -0.73 -4.10
N ALA A 25 -6.06 -1.54 -4.48
CA ALA A 25 -5.22 -2.23 -3.50
C ALA A 25 -4.44 -1.23 -2.65
N SER A 26 -3.78 -0.28 -3.32
CA SER A 26 -2.99 0.73 -2.62
C SER A 26 -3.89 1.70 -1.87
N ARG A 27 -4.85 2.28 -2.58
CA ARG A 27 -5.77 3.23 -1.99
C ARG A 27 -6.38 2.67 -0.71
N GLN A 28 -7.13 1.58 -0.85
CA GLN A 28 -7.77 0.93 0.30
C GLN A 28 -6.76 0.69 1.42
N ALA A 29 -5.61 0.15 1.06
CA ALA A 29 -4.56 -0.13 2.04
C ALA A 29 -4.26 1.10 2.90
N LEU A 30 -3.69 2.13 2.27
CA LEU A 30 -3.36 3.36 2.97
C LEU A 30 -4.49 3.76 3.94
N MET A 31 -5.71 3.80 3.43
CA MET A 31 -6.86 4.16 4.24
C MET A 31 -6.92 3.31 5.50
N ASP A 32 -6.54 2.05 5.38
CA ASP A 32 -6.54 1.13 6.51
C ASP A 32 -5.23 1.21 7.29
N ASN A 33 -4.21 1.78 6.66
CA ASN A 33 -2.90 1.92 7.29
C ASN A 33 -2.64 3.38 7.69
N GLY A 34 -3.71 4.09 8.02
CA GLY A 34 -3.58 5.48 8.42
C GLY A 34 -2.71 6.27 7.45
N ASN A 35 -3.02 6.17 6.16
CA ASN A 35 -2.27 6.89 5.14
C ASN A 35 -0.78 6.68 5.32
N ASN A 36 -0.38 5.44 5.58
CA ASN A 36 1.03 5.11 5.77
C ASN A 36 1.70 4.75 4.45
N LEU A 37 2.51 5.66 3.93
CA LEU A 37 3.20 5.43 2.67
C LEU A 37 3.93 4.09 2.68
N GLU A 38 4.71 3.85 3.73
CA GLU A 38 5.44 2.60 3.85
C GLU A 38 4.51 1.44 4.17
N ALA A 39 3.93 1.45 5.36
CA ALA A 39 3.01 0.41 5.79
C ALA A 39 2.15 -0.07 4.63
N ALA A 40 1.63 0.88 3.84
CA ALA A 40 0.80 0.55 2.69
C ALA A 40 1.34 -0.67 1.95
N LEU A 41 2.50 -0.51 1.33
CA LEU A 41 3.13 -1.59 0.59
C LEU A 41 3.16 -2.88 1.40
N ASN A 42 3.78 -2.80 2.58
CA ASN A 42 3.87 -3.95 3.47
C ASN A 42 2.63 -4.82 3.36
N VAL A 43 1.47 -4.22 3.63
CA VAL A 43 0.21 -4.94 3.58
C VAL A 43 -0.01 -5.56 2.21
N LEU A 44 0.36 -4.82 1.16
CA LEU A 44 0.21 -5.30 -0.21
C LEU A 44 1.22 -6.41 -0.52
N LEU A 45 2.32 -6.40 0.22
CA LEU A 45 3.37 -7.40 0.03
C LEU A 45 3.08 -8.66 0.83
N THR A 46 3.15 -8.54 2.16
CA THR A 46 2.89 -9.67 3.04
C THR A 46 1.77 -10.55 2.50
N SER A 47 0.78 -9.91 1.89
CA SER A 47 -0.36 -10.64 1.33
C SER A 47 -0.55 -10.29 -0.15
N ASN A 48 0.29 -10.89 -1.00
CA ASN A 48 0.21 -10.65 -2.43
C ASN A 48 -0.32 -11.88 -3.17
N LYS A 49 0.18 -13.05 -2.78
CA LYS A 49 -0.25 -14.30 -3.39
C LYS A 49 -0.69 -15.31 -2.33
N GLN A 50 -1.32 -16.39 -2.78
CA GLN A 50 -1.80 -17.42 -1.87
C GLN A 50 -0.77 -17.70 -0.77
N LYS A 51 -1.13 -17.34 0.46
CA LYS A 51 -0.24 -17.54 1.59
C LYS A 51 -0.23 -19.02 2.02
N PRO A 52 0.94 -19.51 2.45
CA PRO A 52 1.11 -20.90 2.89
C PRO A 52 0.41 -21.17 4.21
N VAL A 53 0.05 -22.43 4.45
CA VAL A 53 -0.62 -22.81 5.68
C VAL A 53 0.28 -23.70 6.54
N MET A 54 0.61 -23.22 7.73
CA MET A 54 1.46 -23.97 8.65
C MET A 54 0.72 -24.30 9.94
N GLY A 55 -0.03 -25.39 9.92
CA GLY A 55 -0.78 -25.81 11.10
C GLY A 55 -1.30 -24.62 11.88
N PRO A 56 -0.56 -24.23 12.94
CA PRO A 56 -0.93 -23.10 13.79
C PRO A 56 -0.81 -21.76 13.08
N PRO A 57 -1.67 -20.80 13.46
CA PRO A 57 -1.68 -19.46 12.86
C PRO A 57 -0.45 -18.65 13.25
N SER A 58 -0.25 -17.53 12.58
CA SER A 58 0.89 -16.66 12.86
C SER A 58 0.45 -15.41 13.63
N GLY A 59 1.27 -15.00 14.59
CA GLY A 59 0.95 -13.83 15.38
C GLY A 59 -0.50 -13.80 15.81
N PRO A 60 -0.82 -14.55 16.89
CA PRO A 60 -2.18 -14.62 17.43
C PRO A 60 -2.61 -13.31 18.09
N SER A 61 -1.71 -12.72 18.85
CA SER A 61 -2.01 -11.46 19.54
C SER A 61 -0.72 -10.80 20.02
N SER A 62 -0.77 -9.48 20.18
CA SER A 62 0.38 -8.71 20.64
C SER A 62 1.67 -9.30 20.06
N GLY A 63 1.63 -9.66 18.78
CA GLY A 63 2.80 -10.23 18.14
C GLY A 63 2.77 -11.74 18.11
N GLY A 1 -19.43 1.56 13.72
CA GLY A 1 -19.17 1.34 12.32
C GLY A 1 -18.46 2.52 11.66
N SER A 2 -17.99 2.31 10.43
CA SER A 2 -17.29 3.37 9.71
C SER A 2 -18.25 4.15 8.83
N SER A 3 -18.11 5.48 8.83
CA SER A 3 -18.98 6.34 8.04
C SER A 3 -18.79 6.07 6.55
N GLY A 4 -17.54 5.98 6.12
CA GLY A 4 -17.25 5.72 4.72
C GLY A 4 -16.89 6.98 3.96
N SER A 5 -15.62 7.34 3.99
CA SER A 5 -15.15 8.54 3.30
C SER A 5 -13.74 8.33 2.74
N SER A 6 -13.32 9.22 1.84
CA SER A 6 -12.01 9.14 1.24
C SER A 6 -10.92 9.55 2.23
N GLY A 7 -10.25 8.56 2.81
CA GLY A 7 -9.20 8.83 3.77
C GLY A 7 -7.85 8.32 3.31
N VAL A 8 -7.46 8.68 2.10
CA VAL A 8 -6.18 8.26 1.55
C VAL A 8 -5.39 9.44 1.00
N ASP A 9 -4.06 9.37 1.13
CA ASP A 9 -3.20 10.44 0.63
C ASP A 9 -2.75 10.16 -0.79
N GLU A 10 -3.46 10.74 -1.76
CA GLU A 10 -3.12 10.56 -3.17
C GLU A 10 -1.61 10.60 -3.37
N LYS A 11 -0.98 11.65 -2.87
CA LYS A 11 0.46 11.83 -3.00
C LYS A 11 1.19 10.53 -2.67
N ALA A 12 0.77 9.89 -1.58
CA ALA A 12 1.40 8.64 -1.14
C ALA A 12 0.96 7.47 -2.03
N LEU A 13 -0.32 7.45 -2.37
CA LEU A 13 -0.87 6.39 -3.21
C LEU A 13 -0.04 6.22 -4.47
N LYS A 14 0.10 7.29 -5.24
CA LYS A 14 0.87 7.26 -6.47
C LYS A 14 2.22 6.59 -6.25
N HIS A 15 3.02 7.16 -5.36
CA HIS A 15 4.34 6.61 -5.05
C HIS A 15 4.32 5.08 -5.11
N ILE A 16 3.23 4.49 -4.63
CA ILE A 16 3.09 3.05 -4.63
C ILE A 16 2.70 2.53 -6.01
N THR A 17 1.56 3.00 -6.51
CA THR A 17 1.07 2.59 -7.83
C THR A 17 2.22 2.46 -8.82
N GLU A 18 3.15 3.41 -8.77
CA GLU A 18 4.29 3.41 -9.67
C GLU A 18 5.00 2.05 -9.66
N MET A 19 5.16 1.48 -8.47
CA MET A 19 5.81 0.19 -8.32
C MET A 19 5.06 -0.88 -9.10
N GLY A 20 3.76 -0.66 -9.32
CA GLY A 20 2.95 -1.61 -10.05
C GLY A 20 1.86 -2.23 -9.19
N PHE A 21 1.22 -1.40 -8.37
CA PHE A 21 0.15 -1.87 -7.49
C PHE A 21 -1.19 -1.30 -7.91
N SER A 22 -2.24 -2.09 -7.76
CA SER A 22 -3.59 -1.66 -8.13
C SER A 22 -4.01 -0.46 -7.30
N LYS A 23 -4.43 0.61 -7.99
CA LYS A 23 -4.86 1.83 -7.32
C LYS A 23 -5.87 1.52 -6.22
N GLU A 24 -6.74 0.55 -6.48
CA GLU A 24 -7.75 0.15 -5.50
C GLU A 24 -7.10 -0.48 -4.27
N ALA A 25 -6.14 -1.37 -4.51
CA ALA A 25 -5.44 -2.04 -3.43
C ALA A 25 -4.60 -1.06 -2.61
N SER A 26 -3.81 -0.24 -3.31
CA SER A 26 -2.97 0.74 -2.66
C SER A 26 -3.80 1.78 -1.92
N ARG A 27 -4.90 2.20 -2.54
CA ARG A 27 -5.79 3.19 -1.94
C ARG A 27 -6.34 2.69 -0.61
N GLN A 28 -7.00 1.54 -0.63
CA GLN A 28 -7.56 0.96 0.57
C GLN A 28 -6.50 0.79 1.65
N ALA A 29 -5.47 0.02 1.34
CA ALA A 29 -4.38 -0.22 2.28
C ALA A 29 -4.02 1.05 3.05
N LEU A 30 -3.55 2.06 2.31
CA LEU A 30 -3.18 3.33 2.93
C LEU A 30 -4.20 3.76 3.97
N MET A 31 -5.47 3.74 3.59
CA MET A 31 -6.55 4.12 4.49
C MET A 31 -6.57 3.22 5.73
N ASP A 32 -6.30 1.94 5.52
CA ASP A 32 -6.30 0.97 6.61
C ASP A 32 -5.10 1.21 7.54
N ASN A 33 -3.97 1.56 6.94
CA ASN A 33 -2.75 1.81 7.72
C ASN A 33 -2.60 3.30 8.00
N GLY A 34 -3.72 4.01 8.05
CA GLY A 34 -3.68 5.44 8.32
C GLY A 34 -2.78 6.18 7.35
N ASN A 35 -3.19 6.24 6.08
CA ASN A 35 -2.40 6.93 5.06
C ASN A 35 -0.91 6.69 5.26
N ASN A 36 -0.56 5.45 5.58
CA ASN A 36 0.83 5.07 5.80
C ASN A 36 1.50 4.68 4.48
N LEU A 37 2.24 5.62 3.90
CA LEU A 37 2.94 5.37 2.64
C LEU A 37 3.70 4.05 2.69
N GLU A 38 4.49 3.87 3.74
CA GLU A 38 5.27 2.66 3.90
C GLU A 38 4.37 1.47 4.24
N ALA A 39 3.78 1.50 5.43
CA ALA A 39 2.89 0.44 5.88
C ALA A 39 2.06 -0.10 4.72
N ALA A 40 1.63 0.80 3.84
CA ALA A 40 0.82 0.42 2.68
C ALA A 40 1.44 -0.78 1.95
N LEU A 41 2.61 -0.57 1.38
CA LEU A 41 3.31 -1.62 0.64
C LEU A 41 3.38 -2.89 1.47
N ASN A 42 3.91 -2.77 2.70
CA ASN A 42 4.02 -3.92 3.59
C ASN A 42 2.82 -4.84 3.46
N VAL A 43 1.64 -4.30 3.72
CA VAL A 43 0.41 -5.08 3.64
C VAL A 43 0.22 -5.65 2.24
N LEU A 44 0.26 -4.77 1.24
CA LEU A 44 0.08 -5.19 -0.15
C LEU A 44 1.00 -6.36 -0.48
N LEU A 45 2.18 -6.38 0.11
CA LEU A 45 3.13 -7.45 -0.12
C LEU A 45 2.78 -8.69 0.70
N THR A 46 2.82 -8.56 2.02
CA THR A 46 2.50 -9.66 2.91
C THR A 46 1.38 -10.53 2.34
N SER A 47 0.38 -9.87 1.75
CA SER A 47 -0.75 -10.58 1.16
C SER A 47 -0.38 -11.16 -0.21
N ASN A 48 0.19 -10.31 -1.06
CA ASN A 48 0.59 -10.73 -2.40
C ASN A 48 1.32 -12.07 -2.35
N LYS A 49 1.30 -12.79 -3.46
CA LYS A 49 1.96 -14.09 -3.55
C LYS A 49 3.25 -13.98 -4.37
N GLN A 50 4.37 -13.77 -3.69
CA GLN A 50 5.66 -13.66 -4.35
C GLN A 50 6.34 -15.02 -4.46
N LYS A 51 7.40 -15.08 -5.26
CA LYS A 51 8.14 -16.32 -5.45
C LYS A 51 9.33 -16.40 -4.50
N PRO A 52 9.63 -17.61 -4.02
CA PRO A 52 10.75 -17.84 -3.09
C PRO A 52 12.10 -17.68 -3.78
N VAL A 53 12.98 -16.89 -3.15
CA VAL A 53 14.30 -16.65 -3.70
C VAL A 53 15.36 -17.39 -2.90
N MET A 54 16.23 -18.11 -3.60
CA MET A 54 17.30 -18.87 -2.96
C MET A 54 18.11 -17.98 -2.02
N GLY A 55 18.30 -18.44 -0.79
CA GLY A 55 19.06 -17.68 0.19
C GLY A 55 18.52 -17.83 1.60
N PRO A 56 19.42 -17.80 2.58
CA PRO A 56 19.05 -17.94 4.00
C PRO A 56 18.29 -16.72 4.52
N PRO A 57 17.63 -16.90 5.68
CA PRO A 57 16.85 -15.83 6.31
C PRO A 57 17.74 -14.71 6.86
N SER A 58 18.90 -15.10 7.40
CA SER A 58 19.83 -14.13 7.97
C SER A 58 20.87 -13.71 6.93
N GLY A 59 21.21 -12.43 6.93
CA GLY A 59 22.19 -11.92 5.99
C GLY A 59 22.37 -10.42 6.09
N PRO A 60 22.90 -9.81 5.02
CA PRO A 60 23.12 -8.37 4.96
C PRO A 60 21.82 -7.57 4.90
N SER A 61 20.72 -8.27 4.66
CA SER A 61 19.42 -7.63 4.56
C SER A 61 18.57 -7.94 5.80
N SER A 62 18.41 -6.94 6.65
CA SER A 62 17.62 -7.10 7.88
C SER A 62 16.37 -6.23 7.84
N GLY A 63 15.51 -6.43 8.83
CA GLY A 63 14.27 -5.65 8.89
C GLY A 63 13.06 -6.50 9.23
N GLY A 1 -15.01 9.77 11.15
CA GLY A 1 -14.43 10.36 9.95
C GLY A 1 -15.44 11.18 9.18
N SER A 2 -16.07 10.56 8.18
CA SER A 2 -17.06 11.24 7.36
C SER A 2 -17.90 10.24 6.58
N SER A 3 -18.90 10.74 5.87
CA SER A 3 -19.79 9.88 5.08
C SER A 3 -19.70 10.23 3.59
N GLY A 4 -18.47 10.48 3.13
CA GLY A 4 -18.27 10.81 1.73
C GLY A 4 -16.81 11.04 1.41
N SER A 5 -16.15 11.88 2.20
CA SER A 5 -14.74 12.19 1.98
C SER A 5 -13.88 10.93 2.14
N SER A 6 -12.73 10.93 1.47
CA SER A 6 -11.82 9.79 1.54
C SER A 6 -10.78 9.98 2.64
N GLY A 7 -10.07 8.92 2.98
CA GLY A 7 -9.06 8.99 4.01
C GLY A 7 -7.72 8.46 3.55
N VAL A 8 -7.32 8.84 2.35
CA VAL A 8 -6.05 8.40 1.79
C VAL A 8 -5.24 9.58 1.24
N ASP A 9 -3.92 9.44 1.23
CA ASP A 9 -3.05 10.49 0.73
C ASP A 9 -2.61 10.20 -0.70
N GLU A 10 -3.29 10.82 -1.66
CA GLU A 10 -2.97 10.63 -3.07
C GLU A 10 -1.46 10.54 -3.28
N LYS A 11 -0.75 11.57 -2.83
CA LYS A 11 0.71 11.60 -2.97
C LYS A 11 1.32 10.25 -2.63
N ALA A 12 0.86 9.64 -1.55
CA ALA A 12 1.36 8.35 -1.12
C ALA A 12 0.78 7.23 -1.98
N LEU A 13 -0.48 7.38 -2.36
CA LEU A 13 -1.15 6.38 -3.18
C LEU A 13 -0.41 6.16 -4.49
N LYS A 14 -0.19 7.24 -5.24
CA LYS A 14 0.52 7.17 -6.51
C LYS A 14 1.90 6.55 -6.33
N HIS A 15 2.75 7.22 -5.56
CA HIS A 15 4.10 6.74 -5.31
C HIS A 15 4.13 5.21 -5.24
N ILE A 16 3.12 4.64 -4.60
CA ILE A 16 3.03 3.19 -4.46
C ILE A 16 2.65 2.54 -5.78
N THR A 17 1.60 3.07 -6.42
CA THR A 17 1.14 2.54 -7.70
C THR A 17 2.27 2.47 -8.71
N GLU A 18 3.28 3.31 -8.52
CA GLU A 18 4.42 3.34 -9.42
C GLU A 18 5.14 2.00 -9.44
N MET A 19 4.92 1.20 -8.40
CA MET A 19 5.54 -0.11 -8.30
C MET A 19 4.59 -1.20 -8.79
N GLY A 20 3.59 -0.80 -9.56
CA GLY A 20 2.63 -1.76 -10.09
C GLY A 20 1.67 -2.26 -9.02
N PHE A 21 0.83 -1.36 -8.52
CA PHE A 21 -0.14 -1.72 -7.49
C PHE A 21 -1.53 -1.20 -7.85
N SER A 22 -2.48 -2.11 -7.99
CA SER A 22 -3.85 -1.74 -8.34
C SER A 22 -4.25 -0.44 -7.64
N LYS A 23 -4.65 0.54 -8.43
CA LYS A 23 -5.06 1.84 -7.90
C LYS A 23 -5.89 1.65 -6.62
N GLU A 24 -6.81 0.70 -6.65
CA GLU A 24 -7.66 0.42 -5.50
C GLU A 24 -6.87 -0.28 -4.40
N ALA A 25 -6.08 -1.27 -4.78
CA ALA A 25 -5.28 -2.03 -3.84
C ALA A 25 -4.54 -1.09 -2.87
N SER A 26 -3.82 -0.13 -3.43
CA SER A 26 -3.08 0.83 -2.61
C SER A 26 -4.02 1.72 -1.81
N ARG A 27 -4.89 2.43 -2.51
CA ARG A 27 -5.85 3.32 -1.86
C ARG A 27 -6.38 2.70 -0.57
N GLN A 28 -7.11 1.60 -0.70
CA GLN A 28 -7.67 0.92 0.45
C GLN A 28 -6.63 0.73 1.54
N ALA A 29 -5.60 -0.06 1.24
CA ALA A 29 -4.52 -0.31 2.20
C ALA A 29 -4.16 0.96 2.96
N LEU A 30 -3.74 1.99 2.24
CA LEU A 30 -3.37 3.26 2.85
C LEU A 30 -4.39 3.68 3.90
N MET A 31 -5.66 3.70 3.51
CA MET A 31 -6.74 4.08 4.42
C MET A 31 -6.74 3.20 5.65
N ASP A 32 -6.46 1.92 5.45
CA ASP A 32 -6.44 0.96 6.56
C ASP A 32 -5.27 1.26 7.50
N ASN A 33 -4.10 1.51 6.93
CA ASN A 33 -2.91 1.79 7.73
C ASN A 33 -2.91 3.25 8.19
N GLY A 34 -3.78 4.06 7.59
CA GLY A 34 -3.87 5.45 7.95
C GLY A 34 -2.94 6.33 7.12
N ASN A 35 -3.12 6.29 5.80
CA ASN A 35 -2.29 7.08 4.90
C ASN A 35 -0.81 6.73 5.07
N ASN A 36 -0.55 5.51 5.52
CA ASN A 36 0.82 5.05 5.72
C ASN A 36 1.50 4.74 4.38
N LEU A 37 2.48 5.57 4.02
CA LEU A 37 3.21 5.39 2.78
C LEU A 37 4.02 4.10 2.79
N GLU A 38 4.78 3.90 3.86
CA GLU A 38 5.60 2.69 4.01
C GLU A 38 4.72 1.48 4.32
N ALA A 39 4.13 1.48 5.51
CA ALA A 39 3.28 0.37 5.93
C ALA A 39 2.39 -0.11 4.78
N ALA A 40 1.89 0.84 3.99
CA ALA A 40 1.05 0.51 2.86
C ALA A 40 1.57 -0.70 2.11
N LEU A 41 2.72 -0.54 1.46
CA LEU A 41 3.33 -1.63 0.70
C LEU A 41 3.38 -2.90 1.52
N ASN A 42 3.99 -2.82 2.70
CA ASN A 42 4.12 -3.97 3.59
C ASN A 42 2.86 -4.84 3.53
N VAL A 43 1.71 -4.20 3.72
CA VAL A 43 0.43 -4.91 3.69
C VAL A 43 0.16 -5.49 2.30
N LEU A 44 0.30 -4.66 1.28
CA LEU A 44 0.07 -5.09 -0.10
C LEU A 44 1.05 -6.18 -0.50
N LEU A 45 2.16 -6.28 0.23
CA LEU A 45 3.17 -7.28 -0.05
C LEU A 45 2.87 -8.58 0.69
N THR A 46 2.91 -8.53 2.02
CA THR A 46 2.64 -9.70 2.84
C THR A 46 1.48 -10.52 2.26
N SER A 47 0.55 -9.83 1.60
CA SER A 47 -0.60 -10.50 1.00
C SER A 47 -0.82 -10.02 -0.43
N ASN A 48 -0.01 -10.55 -1.35
CA ASN A 48 -0.12 -10.18 -2.76
C ASN A 48 -0.43 -11.40 -3.62
N LYS A 49 -1.04 -11.16 -4.77
CA LYS A 49 -1.39 -12.24 -5.69
C LYS A 49 -0.24 -12.53 -6.65
N GLN A 50 0.34 -13.72 -6.52
CA GLN A 50 1.45 -14.12 -7.38
C GLN A 50 1.18 -13.74 -8.84
N LYS A 51 2.12 -13.04 -9.44
CA LYS A 51 1.98 -12.61 -10.84
C LYS A 51 2.92 -13.41 -11.74
N PRO A 52 2.47 -13.65 -12.98
CA PRO A 52 3.26 -14.41 -13.97
C PRO A 52 4.47 -13.61 -14.45
N VAL A 53 5.59 -14.32 -14.63
CA VAL A 53 6.82 -13.69 -15.10
C VAL A 53 6.94 -13.76 -16.61
N MET A 54 7.53 -12.73 -17.21
CA MET A 54 7.70 -12.67 -18.65
C MET A 54 9.18 -12.61 -19.03
N GLY A 55 9.83 -13.77 -19.10
CA GLY A 55 11.24 -13.81 -19.43
C GLY A 55 12.06 -12.81 -18.65
N PRO A 56 13.25 -12.48 -19.18
CA PRO A 56 14.15 -11.52 -18.54
C PRO A 56 13.62 -10.09 -18.59
N PRO A 57 14.18 -9.21 -17.75
CA PRO A 57 13.77 -7.80 -17.68
C PRO A 57 14.20 -7.02 -18.92
N SER A 58 15.19 -7.54 -19.63
CA SER A 58 15.69 -6.89 -20.84
C SER A 58 16.27 -5.52 -20.52
N GLY A 59 17.08 -5.46 -19.47
CA GLY A 59 17.69 -4.20 -19.07
C GLY A 59 18.89 -3.85 -19.92
N PRO A 60 19.09 -2.54 -20.15
CA PRO A 60 20.22 -2.04 -20.95
C PRO A 60 21.55 -2.22 -20.26
N SER A 61 22.49 -2.87 -20.94
CA SER A 61 23.81 -3.11 -20.38
C SER A 61 24.90 -2.39 -21.19
N SER A 62 24.66 -2.27 -22.50
CA SER A 62 25.60 -1.60 -23.39
C SER A 62 25.89 -0.19 -22.90
N GLY A 63 24.84 0.53 -22.54
CA GLY A 63 25.00 1.90 -22.07
C GLY A 63 23.67 2.62 -21.92
N GLY A 1 -3.64 15.92 0.68
CA GLY A 1 -4.83 15.12 0.90
C GLY A 1 -6.09 15.77 0.36
N SER A 2 -6.61 15.23 -0.73
CA SER A 2 -7.82 15.77 -1.34
C SER A 2 -8.78 16.30 -0.29
N SER A 3 -9.52 17.35 -0.63
CA SER A 3 -10.47 17.95 0.29
C SER A 3 -11.85 17.30 0.15
N GLY A 4 -11.88 15.97 0.24
CA GLY A 4 -13.12 15.24 0.12
C GLY A 4 -13.27 14.16 1.17
N SER A 5 -14.32 13.35 1.05
CA SER A 5 -14.57 12.28 2.00
C SER A 5 -13.70 11.07 1.69
N SER A 6 -12.50 11.06 2.26
CA SER A 6 -11.56 9.95 2.05
C SER A 6 -10.44 10.00 3.07
N GLY A 7 -9.85 8.83 3.35
CA GLY A 7 -8.77 8.75 4.31
C GLY A 7 -7.49 8.22 3.69
N VAL A 8 -7.18 8.68 2.48
CA VAL A 8 -5.97 8.25 1.79
C VAL A 8 -5.19 9.43 1.25
N ASP A 9 -3.87 9.34 1.31
CA ASP A 9 -3.01 10.41 0.83
C ASP A 9 -2.55 10.12 -0.59
N GLU A 10 -3.27 10.69 -1.56
CA GLU A 10 -2.93 10.49 -2.97
C GLU A 10 -1.42 10.41 -3.16
N LYS A 11 -0.71 11.41 -2.67
CA LYS A 11 0.74 11.45 -2.79
C LYS A 11 1.35 10.10 -2.41
N ALA A 12 0.87 9.53 -1.31
CA ALA A 12 1.37 8.24 -0.84
C ALA A 12 0.87 7.11 -1.72
N LEU A 13 -0.32 7.28 -2.28
CA LEU A 13 -0.92 6.27 -3.14
C LEU A 13 -0.12 6.10 -4.43
N LYS A 14 -0.04 7.17 -5.22
CA LYS A 14 0.70 7.14 -6.46
C LYS A 14 2.06 6.47 -6.28
N HIS A 15 2.84 6.99 -5.34
CA HIS A 15 4.17 6.43 -5.06
C HIS A 15 4.13 4.90 -5.07
N ILE A 16 3.03 4.34 -4.58
CA ILE A 16 2.87 2.89 -4.53
C ILE A 16 2.48 2.34 -5.91
N THR A 17 1.51 2.97 -6.54
CA THR A 17 1.04 2.54 -7.85
C THR A 17 2.19 2.48 -8.84
N GLU A 18 3.24 3.26 -8.59
CA GLU A 18 4.40 3.29 -9.47
C GLU A 18 5.09 1.93 -9.50
N MET A 19 4.73 1.07 -8.56
CA MET A 19 5.31 -0.26 -8.47
C MET A 19 4.35 -1.32 -9.00
N GLY A 20 3.41 -0.89 -9.85
CA GLY A 20 2.44 -1.80 -10.41
C GLY A 20 1.43 -2.28 -9.39
N PHE A 21 0.72 -1.33 -8.78
CA PHE A 21 -0.29 -1.66 -7.78
C PHE A 21 -1.61 -0.96 -8.08
N SER A 22 -2.65 -1.76 -8.30
CA SER A 22 -3.97 -1.23 -8.61
C SER A 22 -4.25 0.04 -7.80
N LYS A 23 -4.74 1.07 -8.49
CA LYS A 23 -5.05 2.34 -7.84
C LYS A 23 -6.00 2.12 -6.66
N GLU A 24 -6.61 0.94 -6.60
CA GLU A 24 -7.54 0.62 -5.52
C GLU A 24 -6.84 -0.19 -4.43
N ALA A 25 -6.05 -1.17 -4.85
CA ALA A 25 -5.32 -2.02 -3.91
C ALA A 25 -4.55 -1.17 -2.89
N SER A 26 -3.84 -0.16 -3.39
CA SER A 26 -3.06 0.72 -2.53
C SER A 26 -3.97 1.69 -1.76
N ARG A 27 -4.85 2.36 -2.50
CA ARG A 27 -5.78 3.31 -1.90
C ARG A 27 -6.40 2.73 -0.63
N GLN A 28 -7.11 1.62 -0.78
CA GLN A 28 -7.75 0.98 0.35
C GLN A 28 -6.77 0.75 1.49
N ALA A 29 -5.70 0.01 1.21
CA ALA A 29 -4.68 -0.28 2.21
C ALA A 29 -4.30 0.98 2.99
N LEU A 30 -3.86 2.01 2.27
CA LEU A 30 -3.46 3.27 2.90
C LEU A 30 -4.51 3.71 3.92
N MET A 31 -5.77 3.70 3.52
CA MET A 31 -6.86 4.11 4.40
C MET A 31 -6.90 3.23 5.64
N ASP A 32 -6.49 1.97 5.49
CA ASP A 32 -6.48 1.02 6.60
C ASP A 32 -5.29 1.28 7.51
N ASN A 33 -4.13 1.49 6.91
CA ASN A 33 -2.90 1.74 7.66
C ASN A 33 -2.85 3.19 8.15
N GLY A 34 -3.72 4.02 7.59
CA GLY A 34 -3.75 5.42 7.99
C GLY A 34 -2.83 6.28 7.14
N ASN A 35 -3.09 6.33 5.84
CA ASN A 35 -2.28 7.11 4.93
C ASN A 35 -0.79 6.80 5.11
N ASN A 36 -0.50 5.57 5.50
CA ASN A 36 0.87 5.13 5.70
C ASN A 36 1.55 4.80 4.38
N LEU A 37 2.46 5.67 3.95
CA LEU A 37 3.17 5.47 2.70
C LEU A 37 3.87 4.12 2.68
N GLU A 38 4.77 3.92 3.63
CA GLU A 38 5.52 2.66 3.72
C GLU A 38 4.59 1.52 4.14
N ALA A 39 4.11 1.57 5.37
CA ALA A 39 3.22 0.54 5.89
C ALA A 39 2.27 0.04 4.81
N ALA A 40 1.80 0.95 3.97
CA ALA A 40 0.88 0.61 2.89
C ALA A 40 1.39 -0.60 2.11
N LEU A 41 2.52 -0.41 1.42
CA LEU A 41 3.12 -1.49 0.63
C LEU A 41 3.21 -2.78 1.45
N ASN A 42 3.85 -2.68 2.61
CA ASN A 42 4.00 -3.84 3.48
C ASN A 42 2.77 -4.74 3.43
N VAL A 43 1.61 -4.15 3.69
CA VAL A 43 0.35 -4.89 3.67
C VAL A 43 0.09 -5.50 2.30
N LEU A 44 0.49 -4.76 1.26
CA LEU A 44 0.29 -5.23 -0.11
C LEU A 44 1.32 -6.30 -0.47
N LEU A 45 2.45 -6.29 0.23
CA LEU A 45 3.51 -7.26 -0.02
C LEU A 45 3.28 -8.54 0.80
N THR A 46 3.29 -8.40 2.12
CA THR A 46 3.09 -9.52 3.01
C THR A 46 2.04 -10.48 2.46
N SER A 47 1.07 -9.93 1.74
CA SER A 47 0.00 -10.74 1.15
C SER A 47 0.42 -11.29 -0.20
N ASN A 48 0.71 -10.39 -1.13
CA ASN A 48 1.13 -10.80 -2.48
C ASN A 48 2.37 -11.67 -2.42
N LYS A 49 3.46 -11.12 -1.86
CA LYS A 49 4.71 -11.86 -1.74
C LYS A 49 4.98 -12.23 -0.29
N GLN A 50 5.33 -13.50 -0.08
CA GLN A 50 5.62 -13.99 1.27
C GLN A 50 6.97 -13.48 1.75
N LYS A 51 6.94 -12.55 2.69
CA LYS A 51 8.16 -11.97 3.24
C LYS A 51 8.28 -12.26 4.74
N PRO A 52 9.51 -12.40 5.23
CA PRO A 52 9.79 -12.67 6.64
C PRO A 52 9.46 -11.48 7.53
N VAL A 53 8.42 -11.62 8.35
CA VAL A 53 7.99 -10.56 9.25
C VAL A 53 8.69 -10.68 10.60
N MET A 54 9.44 -9.65 10.98
CA MET A 54 10.15 -9.64 12.24
C MET A 54 9.55 -8.62 13.20
N GLY A 55 8.47 -9.01 13.88
CA GLY A 55 7.82 -8.12 14.82
C GLY A 55 6.54 -8.70 15.38
N PRO A 56 6.24 -8.39 16.65
CA PRO A 56 5.04 -8.88 17.33
C PRO A 56 3.77 -8.24 16.77
N PRO A 57 2.66 -9.01 16.78
CA PRO A 57 1.37 -8.54 16.28
C PRO A 57 0.76 -7.48 17.19
N SER A 58 0.92 -6.22 16.80
CA SER A 58 0.38 -5.11 17.58
C SER A 58 0.22 -3.86 16.72
N GLY A 59 -0.87 -3.15 16.91
CA GLY A 59 -1.13 -1.94 16.13
C GLY A 59 -2.17 -1.05 16.79
N PRO A 60 -1.81 -0.44 17.91
CA PRO A 60 -2.70 0.46 18.66
C PRO A 60 -2.95 1.77 17.91
N SER A 61 -1.90 2.33 17.33
CA SER A 61 -2.00 3.59 16.60
C SER A 61 -1.23 3.52 15.29
N SER A 62 -1.96 3.46 14.18
CA SER A 62 -1.34 3.39 12.86
C SER A 62 -1.43 4.74 12.15
N GLY A 63 -0.29 5.42 12.03
CA GLY A 63 -0.26 6.70 11.37
C GLY A 63 0.59 7.72 12.11
N GLY A 1 -17.88 19.74 -3.85
CA GLY A 1 -19.24 19.28 -3.66
C GLY A 1 -19.55 19.00 -2.19
N SER A 2 -18.69 18.22 -1.55
CA SER A 2 -18.87 17.87 -0.14
C SER A 2 -17.82 18.55 0.73
N SER A 3 -18.02 18.51 2.04
CA SER A 3 -17.10 19.13 2.98
C SER A 3 -16.21 18.07 3.62
N GLY A 4 -15.73 17.13 2.81
CA GLY A 4 -14.87 16.08 3.32
C GLY A 4 -14.00 15.47 2.24
N SER A 5 -12.82 14.99 2.63
CA SER A 5 -11.89 14.39 1.68
C SER A 5 -12.12 12.88 1.56
N SER A 6 -11.49 12.26 0.59
CA SER A 6 -11.62 10.82 0.36
C SER A 6 -11.18 10.04 1.59
N GLY A 7 -9.96 10.32 2.06
CA GLY A 7 -9.43 9.64 3.22
C GLY A 7 -8.00 9.19 3.03
N VAL A 8 -7.64 8.88 1.79
CA VAL A 8 -6.29 8.43 1.47
C VAL A 8 -5.45 9.57 0.90
N ASP A 9 -4.15 9.48 1.09
CA ASP A 9 -3.23 10.51 0.59
C ASP A 9 -2.75 10.17 -0.82
N GLU A 10 -3.42 10.75 -1.81
CA GLU A 10 -3.06 10.51 -3.20
C GLU A 10 -1.54 10.52 -3.39
N LYS A 11 -0.90 11.57 -2.88
CA LYS A 11 0.55 11.72 -2.99
C LYS A 11 1.25 10.41 -2.62
N ALA A 12 0.81 9.81 -1.52
CA ALA A 12 1.39 8.55 -1.06
C ALA A 12 0.98 7.39 -1.95
N LEU A 13 -0.29 7.40 -2.37
CA LEU A 13 -0.80 6.34 -3.23
C LEU A 13 0.00 6.25 -4.53
N LYS A 14 -0.02 7.32 -5.31
CA LYS A 14 0.71 7.37 -6.57
C LYS A 14 2.13 6.82 -6.40
N HIS A 15 2.83 7.31 -5.38
CA HIS A 15 4.20 6.87 -5.10
C HIS A 15 4.29 5.35 -5.15
N ILE A 16 3.27 4.68 -4.62
CA ILE A 16 3.24 3.22 -4.60
C ILE A 16 2.87 2.66 -5.97
N THR A 17 1.67 3.00 -6.42
CA THR A 17 1.19 2.54 -7.72
C THR A 17 2.33 2.44 -8.73
N GLU A 18 3.28 3.37 -8.63
CA GLU A 18 4.42 3.38 -9.54
C GLU A 18 5.10 2.02 -9.59
N MET A 19 5.38 1.46 -8.41
CA MET A 19 6.02 0.16 -8.32
C MET A 19 5.21 -0.91 -9.03
N GLY A 20 3.89 -0.71 -9.08
CA GLY A 20 3.02 -1.67 -9.74
C GLY A 20 2.01 -2.28 -8.79
N PHE A 21 1.10 -1.44 -8.28
CA PHE A 21 0.07 -1.91 -7.36
C PHE A 21 -1.31 -1.45 -7.80
N SER A 22 -2.33 -2.25 -7.50
CA SER A 22 -3.70 -1.92 -7.87
C SER A 22 -4.17 -0.67 -7.15
N LYS A 23 -4.62 0.31 -7.92
CA LYS A 23 -5.10 1.57 -7.36
C LYS A 23 -6.02 1.32 -6.16
N GLU A 24 -6.94 0.37 -6.32
CA GLU A 24 -7.87 0.03 -5.25
C GLU A 24 -7.15 -0.60 -4.07
N ALA A 25 -6.16 -1.43 -4.38
CA ALA A 25 -5.39 -2.10 -3.34
C ALA A 25 -4.61 -1.10 -2.50
N SER A 26 -3.78 -0.30 -3.16
CA SER A 26 -2.97 0.70 -2.48
C SER A 26 -3.85 1.76 -1.83
N ARG A 27 -4.86 2.22 -2.57
CA ARG A 27 -5.78 3.23 -2.06
C ARG A 27 -6.43 2.77 -0.76
N GLN A 28 -7.05 1.60 -0.79
CA GLN A 28 -7.70 1.05 0.39
C GLN A 28 -6.71 0.81 1.52
N ALA A 29 -5.61 0.13 1.20
CA ALA A 29 -4.58 -0.17 2.18
C ALA A 29 -4.25 1.07 3.02
N LEU A 30 -3.83 2.14 2.35
CA LEU A 30 -3.50 3.39 3.02
C LEU A 30 -4.56 3.77 4.03
N MET A 31 -5.81 3.84 3.58
CA MET A 31 -6.92 4.19 4.45
C MET A 31 -6.95 3.31 5.70
N ASP A 32 -6.35 2.12 5.58
CA ASP A 32 -6.29 1.20 6.70
C ASP A 32 -5.07 1.47 7.58
N ASN A 33 -4.02 1.99 6.97
CA ASN A 33 -2.78 2.29 7.70
C ASN A 33 -2.72 3.77 8.07
N GLY A 34 -3.88 4.44 8.01
CA GLY A 34 -3.93 5.85 8.33
C GLY A 34 -3.09 6.70 7.39
N ASN A 35 -3.10 6.33 6.10
CA ASN A 35 -2.34 7.06 5.10
C ASN A 35 -0.84 6.79 5.25
N ASN A 36 -0.49 5.54 5.56
CA ASN A 36 0.90 5.15 5.73
C ASN A 36 1.52 4.78 4.38
N LEU A 37 2.48 5.59 3.95
CA LEU A 37 3.16 5.35 2.67
C LEU A 37 3.95 4.04 2.73
N GLU A 38 4.73 3.87 3.78
CA GLU A 38 5.54 2.67 3.96
C GLU A 38 4.66 1.46 4.23
N ALA A 39 4.03 1.44 5.40
CA ALA A 39 3.15 0.34 5.79
C ALA A 39 2.33 -0.14 4.60
N ALA A 40 1.79 0.81 3.84
CA ALA A 40 0.98 0.48 2.67
C ALA A 40 1.54 -0.72 1.93
N LEU A 41 2.71 -0.55 1.33
CA LEU A 41 3.37 -1.63 0.58
C LEU A 41 3.40 -2.91 1.41
N ASN A 42 4.00 -2.83 2.58
CA ASN A 42 4.11 -4.00 3.46
C ASN A 42 2.86 -4.86 3.37
N VAL A 43 1.71 -4.29 3.70
CA VAL A 43 0.45 -5.02 3.65
C VAL A 43 0.20 -5.57 2.25
N LEU A 44 0.28 -4.70 1.25
CA LEU A 44 0.06 -5.11 -0.13
C LEU A 44 0.94 -6.30 -0.50
N LEU A 45 2.13 -6.35 0.10
CA LEU A 45 3.07 -7.44 -0.16
C LEU A 45 2.68 -8.69 0.63
N THR A 46 2.70 -8.58 1.96
CA THR A 46 2.35 -9.70 2.82
C THR A 46 1.27 -10.57 2.18
N SER A 47 0.25 -9.92 1.62
CA SER A 47 -0.85 -10.63 0.98
C SER A 47 -0.36 -11.44 -0.21
N ASN A 48 0.18 -10.74 -1.21
CA ASN A 48 0.69 -11.40 -2.40
C ASN A 48 1.69 -12.50 -2.05
N LYS A 49 2.81 -12.11 -1.45
CA LYS A 49 3.84 -13.05 -1.06
C LYS A 49 3.97 -13.10 0.46
N GLN A 50 4.10 -14.32 1.00
CA GLN A 50 4.24 -14.51 2.44
C GLN A 50 5.70 -14.42 2.86
N LYS A 51 5.98 -13.55 3.82
CA LYS A 51 7.34 -13.37 4.32
C LYS A 51 7.40 -13.63 5.82
N PRO A 52 8.55 -14.14 6.28
CA PRO A 52 8.78 -14.43 7.70
C PRO A 52 8.87 -13.17 8.55
N VAL A 53 8.75 -13.34 9.87
CA VAL A 53 8.82 -12.23 10.79
C VAL A 53 10.25 -11.68 10.89
N MET A 54 10.39 -10.37 10.71
CA MET A 54 11.70 -9.72 10.78
C MET A 54 11.67 -8.54 11.74
N GLY A 55 12.11 -8.77 12.97
CA GLY A 55 12.12 -7.72 13.96
C GLY A 55 10.73 -7.29 14.39
N PRO A 56 10.66 -6.45 15.42
CA PRO A 56 9.38 -5.95 15.96
C PRO A 56 8.68 -5.00 14.99
N PRO A 57 7.42 -4.67 15.30
CA PRO A 57 6.62 -3.76 14.47
C PRO A 57 7.12 -2.32 14.54
N SER A 58 8.03 -2.05 15.47
CA SER A 58 8.58 -0.72 15.63
C SER A 58 10.09 -0.72 15.36
N GLY A 59 10.67 0.48 15.36
CA GLY A 59 12.10 0.60 15.11
C GLY A 59 12.64 1.96 15.47
N PRO A 60 13.89 2.00 15.96
CA PRO A 60 14.55 3.26 16.35
C PRO A 60 14.87 4.14 15.15
N SER A 61 14.27 5.32 15.12
CA SER A 61 14.49 6.26 14.02
C SER A 61 15.40 7.41 14.47
N SER A 62 16.23 7.88 13.55
CA SER A 62 17.16 8.97 13.84
C SER A 62 16.54 10.32 13.48
N GLY A 63 16.16 10.46 12.21
CA GLY A 63 15.56 11.70 11.75
C GLY A 63 14.79 11.52 10.46
N GLY A 1 -15.60 19.67 2.23
CA GLY A 1 -16.94 19.13 2.11
C GLY A 1 -17.55 19.38 0.74
N SER A 2 -16.97 18.76 -0.28
CA SER A 2 -17.45 18.92 -1.65
C SER A 2 -17.85 17.58 -2.25
N SER A 3 -18.53 16.76 -1.45
CA SER A 3 -18.96 15.44 -1.90
C SER A 3 -17.76 14.55 -2.20
N GLY A 4 -16.74 14.61 -1.34
CA GLY A 4 -15.56 13.80 -1.53
C GLY A 4 -14.85 13.49 -0.22
N SER A 5 -15.34 12.48 0.48
CA SER A 5 -14.76 12.08 1.76
C SER A 5 -14.00 10.76 1.62
N SER A 6 -12.74 10.77 2.06
CA SER A 6 -11.90 9.58 1.99
C SER A 6 -10.76 9.65 3.00
N GLY A 7 -10.17 8.50 3.31
CA GLY A 7 -9.08 8.46 4.27
C GLY A 7 -7.81 7.91 3.65
N VAL A 8 -7.47 8.37 2.47
CA VAL A 8 -6.26 7.92 1.77
C VAL A 8 -5.49 9.10 1.18
N ASP A 9 -4.17 9.05 1.30
CA ASP A 9 -3.32 10.11 0.78
C ASP A 9 -2.90 9.82 -0.66
N GLU A 10 -3.57 10.46 -1.61
CA GLU A 10 -3.28 10.26 -3.02
C GLU A 10 -1.78 10.29 -3.27
N LYS A 11 -1.13 11.37 -2.85
CA LYS A 11 0.31 11.52 -3.02
C LYS A 11 1.04 10.22 -2.69
N ALA A 12 0.69 9.64 -1.55
CA ALA A 12 1.32 8.39 -1.12
C ALA A 12 0.87 7.22 -1.99
N LEU A 13 -0.39 7.26 -2.41
CA LEU A 13 -0.94 6.20 -3.25
C LEU A 13 -0.16 6.07 -4.55
N LYS A 14 -0.01 7.19 -5.26
CA LYS A 14 0.72 7.21 -6.52
C LYS A 14 2.13 6.64 -6.34
N HIS A 15 2.88 7.22 -5.41
CA HIS A 15 4.24 6.78 -5.13
C HIS A 15 4.33 5.25 -5.15
N ILE A 16 3.35 4.60 -4.54
CA ILE A 16 3.32 3.14 -4.49
C ILE A 16 2.92 2.56 -5.83
N THR A 17 1.72 2.89 -6.29
CA THR A 17 1.22 2.40 -7.57
C THR A 17 2.34 2.29 -8.59
N GLU A 18 3.23 3.27 -8.59
CA GLU A 18 4.36 3.27 -9.51
C GLU A 18 5.01 1.90 -9.59
N MET A 19 5.30 1.31 -8.42
CA MET A 19 5.92 0.00 -8.36
C MET A 19 5.09 -1.04 -9.11
N GLY A 20 3.78 -0.84 -9.11
CA GLY A 20 2.89 -1.77 -9.80
C GLY A 20 1.79 -2.29 -8.90
N PHE A 21 1.07 -1.37 -8.26
CA PHE A 21 -0.01 -1.74 -7.36
C PHE A 21 -1.32 -1.07 -7.79
N SER A 22 -2.37 -1.88 -7.94
CA SER A 22 -3.67 -1.36 -8.34
C SER A 22 -4.10 -0.20 -7.46
N LYS A 23 -4.34 0.96 -8.07
CA LYS A 23 -4.76 2.15 -7.34
C LYS A 23 -5.81 1.80 -6.29
N GLU A 24 -6.73 0.91 -6.67
CA GLU A 24 -7.79 0.50 -5.76
C GLU A 24 -7.22 -0.22 -4.54
N ALA A 25 -6.24 -1.10 -4.78
CA ALA A 25 -5.62 -1.85 -3.70
C ALA A 25 -4.83 -0.92 -2.78
N SER A 26 -3.92 -0.16 -3.35
CA SER A 26 -3.09 0.77 -2.57
C SER A 26 -3.97 1.76 -1.81
N ARG A 27 -4.93 2.32 -2.51
CA ARG A 27 -5.85 3.30 -1.90
C ARG A 27 -6.41 2.77 -0.59
N GLN A 28 -7.16 1.68 -0.67
CA GLN A 28 -7.77 1.07 0.51
C GLN A 28 -6.70 0.81 1.58
N ALA A 29 -5.70 0.03 1.23
CA ALA A 29 -4.62 -0.31 2.16
C ALA A 29 -4.23 0.91 2.99
N LEU A 30 -3.72 1.94 2.32
CA LEU A 30 -3.30 3.16 3.00
C LEU A 30 -4.30 3.56 4.09
N MET A 31 -5.57 3.64 3.71
CA MET A 31 -6.62 4.00 4.65
C MET A 31 -6.52 3.18 5.92
N ASP A 32 -6.15 1.90 5.77
CA ASP A 32 -6.01 1.01 6.91
C ASP A 32 -4.76 1.34 7.71
N ASN A 33 -3.69 1.70 7.02
CA ASN A 33 -2.43 2.05 7.67
C ASN A 33 -2.35 3.55 7.95
N GLY A 34 -3.50 4.16 8.18
CA GLY A 34 -3.53 5.59 8.45
C GLY A 34 -2.74 6.39 7.43
N ASN A 35 -2.98 6.12 6.15
CA ASN A 35 -2.28 6.82 5.08
C ASN A 35 -0.78 6.68 5.23
N ASN A 36 -0.34 5.47 5.59
CA ASN A 36 1.08 5.19 5.76
C ASN A 36 1.73 4.82 4.42
N LEU A 37 2.53 5.72 3.88
CA LEU A 37 3.21 5.47 2.62
C LEU A 37 3.94 4.14 2.64
N GLU A 38 4.78 3.94 3.65
CA GLU A 38 5.53 2.69 3.78
C GLU A 38 4.61 1.53 4.13
N ALA A 39 4.05 1.57 5.34
CA ALA A 39 3.15 0.52 5.80
C ALA A 39 2.27 0.01 4.66
N ALA A 40 1.79 0.93 3.83
CA ALA A 40 0.94 0.58 2.70
C ALA A 40 1.50 -0.63 1.96
N LEU A 41 2.65 -0.45 1.32
CA LEU A 41 3.29 -1.53 0.57
C LEU A 41 3.36 -2.81 1.41
N ASN A 42 3.95 -2.71 2.59
CA ASN A 42 4.07 -3.86 3.48
C ASN A 42 2.85 -4.76 3.38
N VAL A 43 1.70 -4.22 3.74
CA VAL A 43 0.45 -4.98 3.69
C VAL A 43 0.25 -5.62 2.32
N LEU A 44 0.30 -4.80 1.28
CA LEU A 44 0.12 -5.29 -0.08
C LEU A 44 1.05 -6.47 -0.36
N LEU A 45 2.27 -6.38 0.16
CA LEU A 45 3.26 -7.44 -0.03
C LEU A 45 2.88 -8.69 0.76
N THR A 46 2.78 -8.53 2.08
CA THR A 46 2.43 -9.64 2.97
C THR A 46 1.34 -10.51 2.33
N SER A 47 0.35 -9.87 1.73
CA SER A 47 -0.75 -10.58 1.08
C SER A 47 -0.51 -10.74 -0.41
N ASN A 48 0.72 -11.12 -0.77
CA ASN A 48 1.09 -11.29 -2.17
C ASN A 48 2.39 -12.07 -2.30
N LYS A 49 2.31 -13.29 -2.83
CA LYS A 49 3.48 -14.13 -3.01
C LYS A 49 4.33 -14.16 -1.74
N GLN A 50 3.66 -14.25 -0.60
CA GLN A 50 4.36 -14.28 0.69
C GLN A 50 5.29 -15.49 0.76
N LYS A 51 6.56 -15.23 1.02
CA LYS A 51 7.55 -16.30 1.13
C LYS A 51 7.65 -16.80 2.56
N PRO A 52 7.85 -18.12 2.70
CA PRO A 52 7.98 -18.76 4.02
C PRO A 52 9.27 -18.38 4.73
N VAL A 53 9.14 -17.82 5.93
CA VAL A 53 10.32 -17.42 6.72
C VAL A 53 11.13 -18.64 7.15
N MET A 54 12.43 -18.43 7.34
CA MET A 54 13.32 -19.51 7.76
C MET A 54 14.62 -18.95 8.32
N GLY A 55 15.04 -19.47 9.47
CA GLY A 55 16.28 -19.01 10.09
C GLY A 55 16.19 -19.01 11.60
N PRO A 56 17.33 -19.29 12.26
CA PRO A 56 17.40 -19.32 13.72
C PRO A 56 17.28 -17.94 14.34
N PRO A 57 17.08 -17.90 15.67
CA PRO A 57 16.94 -16.64 16.41
C PRO A 57 18.25 -15.85 16.48
N SER A 58 18.14 -14.53 16.41
CA SER A 58 19.31 -13.66 16.45
C SER A 58 20.24 -14.07 17.59
N GLY A 59 21.47 -14.44 17.23
CA GLY A 59 22.44 -14.85 18.24
C GLY A 59 22.41 -13.98 19.47
N PRO A 60 22.75 -14.56 20.62
CA PRO A 60 22.75 -13.84 21.90
C PRO A 60 23.89 -12.82 21.98
N SER A 61 23.55 -11.61 22.42
CA SER A 61 24.54 -10.54 22.54
C SER A 61 25.69 -10.96 23.45
N SER A 62 26.86 -10.40 23.20
CA SER A 62 28.05 -10.71 24.00
C SER A 62 28.21 -9.73 25.15
N GLY A 63 28.93 -10.15 26.19
CA GLY A 63 29.14 -9.30 27.34
C GLY A 63 30.09 -9.93 28.35
N GLY A 1 -21.26 12.93 3.99
CA GLY A 1 -20.88 11.99 2.94
C GLY A 1 -19.60 12.42 2.22
N SER A 2 -19.62 12.32 0.90
CA SER A 2 -18.46 12.70 0.10
C SER A 2 -18.47 14.19 -0.22
N SER A 3 -17.94 14.98 0.71
CA SER A 3 -17.88 16.43 0.53
C SER A 3 -16.51 16.87 0.04
N GLY A 4 -15.96 16.12 -0.91
CA GLY A 4 -14.65 16.44 -1.45
C GLY A 4 -13.55 15.55 -0.90
N SER A 5 -13.36 15.60 0.42
CA SER A 5 -12.33 14.79 1.07
C SER A 5 -12.39 13.35 0.59
N SER A 6 -11.30 12.62 0.80
CA SER A 6 -11.22 11.23 0.37
C SER A 6 -10.78 10.33 1.52
N GLY A 7 -9.79 10.79 2.27
CA GLY A 7 -9.29 10.02 3.40
C GLY A 7 -7.87 9.52 3.19
N VAL A 8 -7.58 9.11 1.96
CA VAL A 8 -6.25 8.61 1.63
C VAL A 8 -5.37 9.72 1.05
N ASP A 9 -4.06 9.55 1.19
CA ASP A 9 -3.10 10.54 0.69
C ASP A 9 -2.69 10.21 -0.74
N GLU A 10 -3.29 10.89 -1.71
CA GLU A 10 -2.99 10.67 -3.11
C GLU A 10 -1.48 10.63 -3.34
N LYS A 11 -0.79 11.67 -2.89
CA LYS A 11 0.65 11.76 -3.04
C LYS A 11 1.32 10.44 -2.65
N ALA A 12 0.89 9.87 -1.53
CA ALA A 12 1.44 8.61 -1.06
C ALA A 12 0.92 7.44 -1.87
N LEU A 13 -0.33 7.55 -2.33
CA LEU A 13 -0.95 6.50 -3.13
C LEU A 13 -0.18 6.27 -4.43
N LYS A 14 -0.13 7.29 -5.27
CA LYS A 14 0.58 7.21 -6.54
C LYS A 14 1.98 6.61 -6.35
N HIS A 15 2.73 7.18 -5.41
CA HIS A 15 4.08 6.71 -5.13
C HIS A 15 4.13 5.19 -5.08
N ILE A 16 3.08 4.58 -4.53
CA ILE A 16 3.00 3.13 -4.44
C ILE A 16 2.63 2.50 -5.77
N THR A 17 1.67 3.11 -6.46
CA THR A 17 1.22 2.62 -7.76
C THR A 17 2.38 2.52 -8.74
N GLU A 18 3.40 3.35 -8.53
CA GLU A 18 4.57 3.37 -9.40
C GLU A 18 5.26 2.00 -9.41
N MET A 19 4.98 1.20 -8.37
CA MET A 19 5.57 -0.13 -8.26
C MET A 19 4.60 -1.19 -8.77
N GLY A 20 3.58 -0.76 -9.50
CA GLY A 20 2.60 -1.69 -10.03
C GLY A 20 1.64 -2.20 -8.97
N PHE A 21 0.81 -1.29 -8.46
CA PHE A 21 -0.17 -1.66 -7.43
C PHE A 21 -1.53 -1.06 -7.74
N SER A 22 -2.48 -1.93 -8.09
CA SER A 22 -3.83 -1.49 -8.42
C SER A 22 -4.25 -0.30 -7.55
N LYS A 23 -4.74 0.75 -8.19
CA LYS A 23 -5.17 1.95 -7.48
C LYS A 23 -6.03 1.57 -6.27
N GLU A 24 -6.93 0.63 -6.46
CA GLU A 24 -7.81 0.18 -5.38
C GLU A 24 -7.03 -0.53 -4.30
N ALA A 25 -6.08 -1.36 -4.70
CA ALA A 25 -5.25 -2.11 -3.76
C ALA A 25 -4.46 -1.16 -2.86
N SER A 26 -3.81 -0.17 -3.46
CA SER A 26 -3.02 0.80 -2.71
C SER A 26 -3.93 1.68 -1.86
N ARG A 27 -4.90 2.31 -2.49
CA ARG A 27 -5.84 3.19 -1.79
C ARG A 27 -6.38 2.52 -0.54
N GLN A 28 -7.00 1.35 -0.72
CA GLN A 28 -7.57 0.60 0.40
C GLN A 28 -6.56 0.53 1.55
N ALA A 29 -5.37 0.02 1.26
CA ALA A 29 -4.33 -0.11 2.27
C ALA A 29 -4.12 1.20 3.02
N LEU A 30 -3.63 2.21 2.31
CA LEU A 30 -3.39 3.52 2.91
C LEU A 30 -4.54 3.93 3.83
N MET A 31 -5.76 3.63 3.40
CA MET A 31 -6.94 3.95 4.19
C MET A 31 -7.01 3.10 5.45
N ASP A 32 -6.53 1.87 5.36
CA ASP A 32 -6.53 0.95 6.49
C ASP A 32 -5.39 1.28 7.45
N ASN A 33 -4.17 1.27 6.92
CA ASN A 33 -2.99 1.56 7.74
C ASN A 33 -2.98 3.02 8.19
N GLY A 34 -3.61 3.88 7.39
CA GLY A 34 -3.66 5.29 7.73
C GLY A 34 -2.62 6.11 6.98
N ASN A 35 -2.94 6.49 5.74
CA ASN A 35 -2.03 7.26 4.92
C ASN A 35 -0.59 6.82 5.14
N ASN A 36 -0.41 5.53 5.45
CA ASN A 36 0.92 4.98 5.68
C ASN A 36 1.62 4.66 4.36
N LEU A 37 2.48 5.58 3.92
CA LEU A 37 3.20 5.41 2.67
C LEU A 37 3.96 4.08 2.66
N GLU A 38 4.81 3.87 3.67
CA GLU A 38 5.57 2.65 3.77
C GLU A 38 4.68 1.47 4.15
N ALA A 39 4.16 1.49 5.36
CA ALA A 39 3.29 0.42 5.84
C ALA A 39 2.38 -0.09 4.72
N ALA A 40 1.81 0.84 3.97
CA ALA A 40 0.92 0.48 2.86
C ALA A 40 1.45 -0.73 2.10
N LEU A 41 2.58 -0.54 1.41
CA LEU A 41 3.19 -1.63 0.65
C LEU A 41 3.29 -2.90 1.48
N ASN A 42 3.97 -2.81 2.62
CA ASN A 42 4.13 -3.95 3.50
C ASN A 42 2.90 -4.84 3.48
N VAL A 43 1.74 -4.23 3.72
CA VAL A 43 0.47 -4.97 3.72
C VAL A 43 0.16 -5.53 2.34
N LEU A 44 0.42 -4.73 1.31
CA LEU A 44 0.16 -5.15 -0.06
C LEU A 44 1.04 -6.34 -0.45
N LEU A 45 2.23 -6.40 0.14
CA LEU A 45 3.16 -7.48 -0.14
C LEU A 45 2.82 -8.72 0.68
N THR A 46 2.69 -8.53 1.99
CA THR A 46 2.36 -9.63 2.89
C THR A 46 1.36 -10.59 2.25
N SER A 47 0.36 -10.02 1.57
CA SER A 47 -0.67 -10.81 0.91
C SER A 47 -0.92 -10.31 -0.51
N ASN A 48 -0.07 -10.74 -1.44
CA ASN A 48 -0.21 -10.33 -2.83
C ASN A 48 -0.49 -11.53 -3.72
N LYS A 49 -1.70 -11.57 -4.29
CA LYS A 49 -2.10 -12.66 -5.17
C LYS A 49 -1.94 -12.27 -6.63
N GLN A 50 -1.26 -13.12 -7.41
CA GLN A 50 -1.05 -12.86 -8.82
C GLN A 50 -2.38 -12.71 -9.56
N LYS A 51 -2.37 -11.93 -10.63
CA LYS A 51 -3.58 -11.71 -11.42
C LYS A 51 -3.41 -12.25 -12.84
N PRO A 52 -4.48 -12.78 -13.40
CA PRO A 52 -4.48 -13.34 -14.76
C PRO A 52 -4.34 -12.27 -15.82
N VAL A 53 -4.41 -12.68 -17.09
CA VAL A 53 -4.29 -11.75 -18.21
C VAL A 53 -5.61 -11.04 -18.48
N MET A 54 -5.55 -9.73 -18.69
CA MET A 54 -6.74 -8.95 -18.96
C MET A 54 -6.83 -8.57 -20.43
N GLY A 55 -7.67 -9.27 -21.18
CA GLY A 55 -7.82 -9.00 -22.60
C GLY A 55 -7.72 -7.51 -22.91
N PRO A 56 -7.17 -7.20 -24.09
CA PRO A 56 -7.01 -5.81 -24.54
C PRO A 56 -8.34 -5.14 -24.86
N PRO A 57 -8.32 -3.81 -24.99
CA PRO A 57 -9.53 -3.02 -25.30
C PRO A 57 -10.01 -3.26 -26.73
N SER A 58 -11.08 -2.56 -27.10
CA SER A 58 -11.65 -2.69 -28.44
C SER A 58 -10.55 -2.68 -29.49
N GLY A 59 -9.64 -1.71 -29.38
CA GLY A 59 -8.55 -1.61 -30.33
C GLY A 59 -7.42 -0.72 -29.83
N PRO A 60 -6.52 -1.29 -29.03
CA PRO A 60 -5.38 -0.56 -28.47
C PRO A 60 -4.35 -0.19 -29.54
N SER A 61 -4.65 -0.53 -30.78
CA SER A 61 -3.74 -0.24 -31.89
C SER A 61 -4.49 0.43 -33.03
N SER A 62 -3.93 1.53 -33.54
CA SER A 62 -4.53 2.26 -34.64
C SER A 62 -4.25 1.59 -35.98
N GLY A 63 -2.98 1.25 -36.19
CA GLY A 63 -2.59 0.59 -37.44
C GLY A 63 -1.24 1.06 -37.94
N GLY A 1 -19.46 6.59 -2.97
CA GLY A 1 -18.71 6.33 -4.18
C GLY A 1 -17.32 6.95 -4.16
N SER A 2 -16.37 6.29 -4.80
CA SER A 2 -14.99 6.79 -4.84
C SER A 2 -14.88 7.99 -5.78
N SER A 3 -15.05 9.19 -5.21
CA SER A 3 -14.97 10.41 -6.00
C SER A 3 -13.73 11.22 -5.60
N GLY A 4 -12.61 10.94 -6.24
CA GLY A 4 -11.38 11.65 -5.94
C GLY A 4 -10.67 11.09 -4.74
N SER A 5 -10.44 11.94 -3.73
CA SER A 5 -9.76 11.52 -2.51
C SER A 5 -10.64 11.73 -1.29
N SER A 6 -11.04 10.63 -0.65
CA SER A 6 -11.88 10.69 0.53
C SER A 6 -11.04 10.89 1.79
N GLY A 7 -10.29 9.85 2.16
CA GLY A 7 -9.45 9.93 3.34
C GLY A 7 -8.11 9.26 3.14
N VAL A 8 -7.60 9.31 1.92
CA VAL A 8 -6.31 8.71 1.60
C VAL A 8 -5.34 9.74 1.02
N ASP A 9 -4.07 9.61 1.37
CA ASP A 9 -3.05 10.53 0.89
C ASP A 9 -2.62 10.17 -0.53
N GLU A 10 -3.22 10.83 -1.52
CA GLU A 10 -2.90 10.57 -2.91
C GLU A 10 -1.39 10.45 -3.11
N LYS A 11 -0.65 11.44 -2.63
CA LYS A 11 0.79 11.45 -2.75
C LYS A 11 1.38 10.08 -2.41
N ALA A 12 0.91 9.50 -1.31
CA ALA A 12 1.37 8.19 -0.87
C ALA A 12 0.86 7.09 -1.79
N LEU A 13 -0.37 7.25 -2.26
CA LEU A 13 -0.98 6.26 -3.16
C LEU A 13 -0.20 6.14 -4.45
N LYS A 14 -0.02 7.27 -5.14
CA LYS A 14 0.71 7.29 -6.41
C LYS A 14 2.08 6.63 -6.24
N HIS A 15 2.90 7.19 -5.36
CA HIS A 15 4.24 6.65 -5.11
C HIS A 15 4.22 5.12 -5.10
N ILE A 16 3.11 4.55 -4.63
CA ILE A 16 2.97 3.10 -4.57
C ILE A 16 2.53 2.55 -5.92
N THR A 17 1.35 2.97 -6.37
CA THR A 17 0.81 2.52 -7.65
C THR A 17 1.90 2.39 -8.70
N GLU A 18 2.79 3.38 -8.75
CA GLU A 18 3.89 3.37 -9.71
C GLU A 18 4.66 2.06 -9.65
N MET A 19 4.91 1.58 -8.43
CA MET A 19 5.63 0.33 -8.25
C MET A 19 4.95 -0.82 -8.97
N GLY A 20 3.64 -0.69 -9.18
CA GLY A 20 2.89 -1.72 -9.86
C GLY A 20 1.74 -2.26 -9.03
N PHE A 21 1.00 -1.34 -8.39
CA PHE A 21 -0.13 -1.73 -7.56
C PHE A 21 -1.42 -1.11 -8.08
N SER A 22 -2.50 -1.90 -8.06
CA SER A 22 -3.79 -1.43 -8.53
C SER A 22 -4.27 -0.24 -7.72
N LYS A 23 -4.55 0.86 -8.40
CA LYS A 23 -5.02 2.07 -7.73
C LYS A 23 -5.95 1.74 -6.57
N GLU A 24 -7.00 0.98 -6.87
CA GLU A 24 -7.96 0.58 -5.85
C GLU A 24 -7.28 -0.17 -4.72
N ALA A 25 -6.45 -1.14 -5.09
CA ALA A 25 -5.73 -1.94 -4.10
C ALA A 25 -4.92 -1.06 -3.16
N SER A 26 -4.09 -0.19 -3.74
CA SER A 26 -3.26 0.71 -2.95
C SER A 26 -4.12 1.64 -2.11
N ARG A 27 -5.10 2.26 -2.74
CA ARG A 27 -6.00 3.18 -2.05
C ARG A 27 -6.51 2.57 -0.75
N GLN A 28 -7.18 1.42 -0.86
CA GLN A 28 -7.73 0.74 0.30
C GLN A 28 -6.66 0.58 1.38
N ALA A 29 -5.57 -0.10 1.04
CA ALA A 29 -4.49 -0.32 1.98
C ALA A 29 -4.18 0.95 2.78
N LEU A 30 -3.77 2.00 2.06
CA LEU A 30 -3.44 3.26 2.70
C LEU A 30 -4.49 3.65 3.72
N MET A 31 -5.75 3.62 3.30
CA MET A 31 -6.87 3.96 4.19
C MET A 31 -6.87 3.08 5.42
N ASP A 32 -6.30 1.89 5.29
CA ASP A 32 -6.25 0.93 6.40
C ASP A 32 -4.95 1.10 7.18
N ASN A 33 -3.92 1.64 6.52
CA ASN A 33 -2.63 1.84 7.16
C ASN A 33 -2.48 3.28 7.65
N GLY A 34 -3.61 3.89 8.03
CA GLY A 34 -3.58 5.25 8.51
C GLY A 34 -2.85 6.19 7.58
N ASN A 35 -2.82 5.83 6.29
CA ASN A 35 -2.15 6.65 5.29
C ASN A 35 -0.64 6.58 5.46
N ASN A 36 -0.11 5.37 5.59
CA ASN A 36 1.33 5.17 5.76
C ASN A 36 1.98 4.80 4.43
N LEU A 37 2.88 5.67 3.96
CA LEU A 37 3.58 5.44 2.71
C LEU A 37 4.30 4.10 2.72
N GLU A 38 5.08 3.87 3.77
CA GLU A 38 5.84 2.63 3.91
C GLU A 38 4.91 1.47 4.27
N ALA A 39 4.35 1.51 5.48
CA ALA A 39 3.44 0.47 5.94
C ALA A 39 2.55 -0.01 4.81
N ALA A 40 2.03 0.92 4.02
CA ALA A 40 1.15 0.59 2.91
C ALA A 40 1.64 -0.64 2.17
N LEU A 41 2.79 -0.50 1.51
CA LEU A 41 3.37 -1.61 0.75
C LEU A 41 3.41 -2.88 1.59
N ASN A 42 4.07 -2.80 2.75
CA ASN A 42 4.18 -3.94 3.64
C ASN A 42 2.91 -4.79 3.61
N VAL A 43 1.77 -4.16 3.90
CA VAL A 43 0.50 -4.85 3.90
C VAL A 43 0.20 -5.46 2.53
N LEU A 44 0.44 -4.69 1.48
CA LEU A 44 0.20 -5.15 0.12
C LEU A 44 1.08 -6.34 -0.21
N LEU A 45 2.26 -6.39 0.38
CA LEU A 45 3.19 -7.49 0.15
C LEU A 45 2.87 -8.68 1.05
N THR A 46 3.07 -8.50 2.35
CA THR A 46 2.78 -9.56 3.32
C THR A 46 1.54 -10.34 2.93
N SER A 47 0.55 -9.64 2.39
CA SER A 47 -0.70 -10.27 1.98
C SER A 47 -0.69 -10.58 0.49
N ASN A 48 0.43 -11.11 0.01
CA ASN A 48 0.57 -11.43 -1.40
C ASN A 48 1.13 -12.85 -1.58
N LYS A 49 1.25 -13.28 -2.83
CA LYS A 49 1.77 -14.61 -3.13
C LYS A 49 3.30 -14.61 -3.12
N GLN A 50 3.88 -15.72 -2.69
CA GLN A 50 5.33 -15.85 -2.62
C GLN A 50 5.98 -15.35 -3.90
N LYS A 51 6.91 -14.40 -3.77
CA LYS A 51 7.61 -13.84 -4.93
C LYS A 51 9.08 -14.22 -4.90
N PRO A 52 9.65 -14.46 -6.09
CA PRO A 52 11.07 -14.83 -6.24
C PRO A 52 12.00 -13.66 -5.91
N VAL A 53 12.70 -13.77 -4.79
CA VAL A 53 13.62 -12.73 -4.36
C VAL A 53 15.06 -13.24 -4.38
N MET A 54 16.00 -12.34 -4.68
CA MET A 54 17.41 -12.69 -4.74
C MET A 54 18.26 -11.66 -3.99
N GLY A 55 17.94 -11.45 -2.72
CA GLY A 55 18.68 -10.49 -1.92
C GLY A 55 18.82 -10.93 -0.48
N PRO A 56 19.95 -10.57 0.14
CA PRO A 56 20.24 -10.92 1.54
C PRO A 56 19.35 -10.16 2.52
N PRO A 57 19.03 -10.80 3.65
CA PRO A 57 18.19 -10.20 4.69
C PRO A 57 18.89 -9.06 5.42
N SER A 58 18.21 -7.92 5.50
CA SER A 58 18.77 -6.74 6.17
C SER A 58 18.00 -6.43 7.45
N GLY A 59 18.56 -5.53 8.25
CA GLY A 59 17.91 -5.16 9.50
C GLY A 59 17.11 -3.87 9.38
N PRO A 60 16.33 -3.57 10.42
CA PRO A 60 15.48 -2.36 10.45
C PRO A 60 16.31 -1.09 10.57
N SER A 61 15.63 0.05 10.64
CA SER A 61 16.30 1.34 10.75
C SER A 61 15.81 2.11 11.97
N SER A 62 16.55 1.99 13.07
CA SER A 62 16.19 2.67 14.30
C SER A 62 17.27 3.67 14.71
N GLY A 63 18.49 3.17 14.90
CA GLY A 63 19.60 4.03 15.29
C GLY A 63 19.92 3.93 16.76
N GLY A 1 -14.00 15.09 15.29
CA GLY A 1 -13.85 14.92 13.86
C GLY A 1 -13.49 13.49 13.48
N SER A 2 -14.45 12.76 12.96
CA SER A 2 -14.23 11.38 12.56
C SER A 2 -14.47 11.19 11.06
N SER A 3 -13.99 12.15 10.28
CA SER A 3 -14.15 12.10 8.83
C SER A 3 -13.81 10.72 8.29
N GLY A 4 -14.78 10.09 7.63
CA GLY A 4 -14.57 8.77 7.07
C GLY A 4 -14.79 8.73 5.58
N SER A 5 -14.21 9.69 4.87
CA SER A 5 -14.35 9.76 3.42
C SER A 5 -12.99 9.97 2.76
N SER A 6 -12.72 9.19 1.71
CA SER A 6 -11.46 9.28 0.99
C SER A 6 -10.31 9.57 1.95
N GLY A 7 -10.21 8.79 3.02
CA GLY A 7 -9.16 8.98 3.99
C GLY A 7 -7.83 8.42 3.53
N VAL A 8 -7.39 8.85 2.34
CA VAL A 8 -6.13 8.37 1.78
C VAL A 8 -5.31 9.53 1.24
N ASP A 9 -3.98 9.42 1.34
CA ASP A 9 -3.09 10.46 0.85
C ASP A 9 -2.63 10.16 -0.58
N GLU A 10 -3.32 10.75 -1.55
CA GLU A 10 -2.99 10.54 -2.95
C GLU A 10 -1.47 10.47 -3.14
N LYS A 11 -0.77 11.47 -2.63
CA LYS A 11 0.69 11.52 -2.74
C LYS A 11 1.31 10.17 -2.42
N ALA A 12 0.82 9.54 -1.35
CA ALA A 12 1.32 8.24 -0.94
C ALA A 12 0.85 7.13 -1.88
N LEU A 13 -0.37 7.30 -2.40
CA LEU A 13 -0.94 6.32 -3.31
C LEU A 13 -0.12 6.20 -4.58
N LYS A 14 -0.03 7.31 -5.32
CA LYS A 14 0.75 7.34 -6.56
C LYS A 14 2.11 6.67 -6.37
N HIS A 15 2.90 7.22 -5.46
CA HIS A 15 4.24 6.67 -5.19
C HIS A 15 4.21 5.14 -5.21
N ILE A 16 3.12 4.56 -4.74
CA ILE A 16 2.97 3.11 -4.71
C ILE A 16 2.58 2.58 -6.08
N THR A 17 1.40 2.99 -6.55
CA THR A 17 0.91 2.54 -7.85
C THR A 17 2.05 2.41 -8.85
N GLU A 18 3.03 3.29 -8.75
CA GLU A 18 4.18 3.26 -9.66
C GLU A 18 4.83 1.89 -9.65
N MET A 19 5.10 1.36 -8.46
CA MET A 19 5.73 0.05 -8.33
C MET A 19 4.92 -1.02 -9.06
N GLY A 20 3.65 -0.72 -9.32
CA GLY A 20 2.79 -1.66 -10.01
C GLY A 20 1.75 -2.26 -9.10
N PHE A 21 0.93 -1.41 -8.48
CA PHE A 21 -0.12 -1.86 -7.57
C PHE A 21 -1.46 -1.24 -7.94
N SER A 22 -2.48 -2.08 -8.05
CA SER A 22 -3.82 -1.61 -8.39
C SER A 22 -4.21 -0.40 -7.55
N LYS A 23 -4.45 0.73 -8.22
CA LYS A 23 -4.83 1.95 -7.54
C LYS A 23 -5.78 1.67 -6.37
N GLU A 24 -6.75 0.78 -6.61
CA GLU A 24 -7.72 0.42 -5.59
C GLU A 24 -7.03 -0.30 -4.43
N ALA A 25 -6.17 -1.25 -4.75
CA ALA A 25 -5.45 -2.01 -3.72
C ALA A 25 -4.63 -1.09 -2.84
N SER A 26 -3.89 -0.18 -3.46
CA SER A 26 -3.06 0.77 -2.73
C SER A 26 -3.91 1.75 -1.93
N ARG A 27 -4.88 2.35 -2.62
CA ARG A 27 -5.77 3.32 -1.98
C ARG A 27 -6.28 2.79 -0.65
N GLN A 28 -7.02 1.68 -0.69
CA GLN A 28 -7.57 1.08 0.51
C GLN A 28 -6.49 0.87 1.56
N ALA A 29 -5.50 0.04 1.24
CA ALA A 29 -4.40 -0.24 2.15
C ALA A 29 -4.02 1.01 2.95
N LEU A 30 -3.71 2.08 2.25
CA LEU A 30 -3.33 3.34 2.89
C LEU A 30 -4.35 3.73 3.95
N MET A 31 -5.62 3.72 3.57
CA MET A 31 -6.70 4.08 4.49
C MET A 31 -6.70 3.16 5.71
N ASP A 32 -6.44 1.88 5.48
CA ASP A 32 -6.40 0.89 6.55
C ASP A 32 -5.19 1.12 7.46
N ASN A 33 -4.07 1.49 6.85
CA ASN A 33 -2.84 1.73 7.60
C ASN A 33 -2.70 3.21 7.95
N GLY A 34 -3.83 3.91 8.00
CA GLY A 34 -3.81 5.32 8.33
C GLY A 34 -2.91 6.12 7.41
N ASN A 35 -3.28 6.18 6.13
CA ASN A 35 -2.50 6.91 5.15
C ASN A 35 -1.01 6.66 5.33
N ASN A 36 -0.65 5.41 5.62
CA ASN A 36 0.73 5.03 5.82
C ASN A 36 1.41 4.73 4.49
N LEU A 37 2.32 5.62 4.09
CA LEU A 37 3.04 5.46 2.84
C LEU A 37 3.75 4.11 2.78
N GLU A 38 4.55 3.81 3.81
CA GLU A 38 5.27 2.55 3.88
C GLU A 38 4.33 1.40 4.20
N ALA A 39 3.79 1.40 5.41
CA ALA A 39 2.87 0.36 5.85
C ALA A 39 1.97 -0.09 4.69
N ALA A 40 1.66 0.84 3.80
CA ALA A 40 0.81 0.55 2.65
C ALA A 40 1.37 -0.63 1.85
N LEU A 41 2.61 -0.50 1.41
CA LEU A 41 3.26 -1.54 0.62
C LEU A 41 3.42 -2.82 1.45
N ASN A 42 4.05 -2.70 2.61
CA ASN A 42 4.27 -3.83 3.49
C ASN A 42 3.04 -4.74 3.53
N VAL A 43 1.88 -4.15 3.79
CA VAL A 43 0.64 -4.90 3.84
C VAL A 43 0.31 -5.53 2.49
N LEU A 44 0.54 -4.78 1.42
CA LEU A 44 0.28 -5.27 0.08
C LEU A 44 1.18 -6.45 -0.27
N LEU A 45 2.41 -6.41 0.26
CA LEU A 45 3.38 -7.48 0.01
C LEU A 45 3.05 -8.71 0.84
N THR A 46 2.78 -8.50 2.12
CA THR A 46 2.45 -9.61 3.02
C THR A 46 1.41 -10.53 2.41
N SER A 47 0.38 -9.94 1.81
CA SER A 47 -0.69 -10.71 1.19
C SER A 47 -0.79 -10.38 -0.30
N ASN A 48 0.08 -10.99 -1.11
CA ASN A 48 0.08 -10.77 -2.55
C ASN A 48 0.15 -12.08 -3.30
N LYS A 49 0.08 -12.00 -4.63
CA LYS A 49 0.14 -13.19 -5.47
C LYS A 49 1.44 -13.24 -6.26
N GLN A 50 2.50 -12.68 -5.68
CA GLN A 50 3.81 -12.66 -6.32
C GLN A 50 4.92 -12.95 -5.31
N LYS A 51 6.15 -13.00 -5.80
CA LYS A 51 7.30 -13.27 -4.94
C LYS A 51 7.53 -12.11 -3.97
N PRO A 52 7.87 -12.44 -2.72
CA PRO A 52 8.12 -11.44 -1.68
C PRO A 52 9.41 -10.67 -1.92
N VAL A 53 9.43 -9.41 -1.49
CA VAL A 53 10.60 -8.56 -1.66
C VAL A 53 11.12 -8.07 -0.32
N MET A 54 12.44 -8.12 -0.15
CA MET A 54 13.06 -7.68 1.10
C MET A 54 12.91 -6.17 1.27
N GLY A 55 12.49 -5.76 2.47
CA GLY A 55 12.32 -4.35 2.74
C GLY A 55 12.60 -3.99 4.19
N PRO A 56 12.63 -2.69 4.50
CA PRO A 56 12.90 -2.20 5.86
C PRO A 56 11.75 -2.50 6.81
N PRO A 57 12.07 -2.61 8.12
CA PRO A 57 11.08 -2.90 9.15
C PRO A 57 10.13 -1.73 9.39
N SER A 58 8.84 -2.04 9.51
CA SER A 58 7.83 -1.01 9.74
C SER A 58 7.75 -0.65 11.22
N GLY A 59 7.79 0.64 11.51
CA GLY A 59 7.71 1.10 12.89
C GLY A 59 6.34 1.65 13.24
N PRO A 60 5.95 1.49 14.52
CA PRO A 60 4.66 1.97 15.02
C PRO A 60 4.58 3.49 15.07
N SER A 61 4.02 4.09 14.02
CA SER A 61 3.88 5.53 13.94
C SER A 61 2.76 5.93 12.98
N SER A 62 2.02 6.97 13.34
CA SER A 62 0.92 7.44 12.51
C SER A 62 0.68 8.94 12.73
N GLY A 63 0.77 9.71 11.66
CA GLY A 63 0.57 11.14 11.75
C GLY A 63 1.70 11.85 12.46
N GLY A 1 -20.04 14.89 0.61
CA GLY A 1 -21.11 15.64 -0.02
C GLY A 1 -20.65 16.39 -1.25
N SER A 2 -20.02 17.55 -1.03
CA SER A 2 -19.52 18.38 -2.12
C SER A 2 -18.09 18.00 -2.48
N SER A 3 -17.27 17.80 -1.45
CA SER A 3 -15.87 17.44 -1.66
C SER A 3 -15.69 15.93 -1.65
N GLY A 4 -14.75 15.44 -2.46
CA GLY A 4 -14.49 14.02 -2.53
C GLY A 4 -13.91 13.47 -1.24
N SER A 5 -14.78 13.12 -0.30
CA SER A 5 -14.35 12.58 0.99
C SER A 5 -13.54 11.30 0.79
N SER A 6 -12.27 11.34 1.20
CA SER A 6 -11.39 10.19 1.08
C SER A 6 -10.35 10.16 2.20
N GLY A 7 -10.11 8.98 2.74
CA GLY A 7 -9.14 8.85 3.82
C GLY A 7 -7.81 8.29 3.33
N VAL A 8 -7.40 8.69 2.13
CA VAL A 8 -6.15 8.22 1.56
C VAL A 8 -5.34 9.38 0.97
N ASP A 9 -4.04 9.38 1.22
CA ASP A 9 -3.16 10.43 0.73
C ASP A 9 -2.69 10.12 -0.69
N GLU A 10 -3.32 10.76 -1.68
CA GLU A 10 -2.97 10.55 -3.07
C GLU A 10 -1.46 10.48 -3.25
N LYS A 11 -0.77 11.49 -2.73
CA LYS A 11 0.70 11.54 -2.83
C LYS A 11 1.31 10.18 -2.52
N ALA A 12 0.83 9.55 -1.46
CA ALA A 12 1.34 8.25 -1.06
C ALA A 12 0.83 7.16 -1.99
N LEU A 13 -0.40 7.30 -2.45
CA LEU A 13 -1.01 6.33 -3.35
C LEU A 13 -0.23 6.23 -4.66
N LYS A 14 -0.07 7.37 -5.33
CA LYS A 14 0.65 7.42 -6.60
C LYS A 14 2.05 6.83 -6.44
N HIS A 15 2.75 7.27 -5.40
CA HIS A 15 4.10 6.79 -5.13
C HIS A 15 4.14 5.26 -5.13
N ILE A 16 3.07 4.65 -4.65
CA ILE A 16 2.99 3.19 -4.59
C ILE A 16 2.64 2.61 -5.95
N THR A 17 1.53 3.07 -6.52
CA THR A 17 1.09 2.59 -7.83
C THR A 17 2.26 2.47 -8.80
N GLU A 18 3.16 3.45 -8.75
CA GLU A 18 4.33 3.45 -9.63
C GLU A 18 5.06 2.11 -9.56
N MET A 19 5.23 1.59 -8.36
CA MET A 19 5.92 0.32 -8.16
C MET A 19 5.21 -0.80 -8.92
N GLY A 20 3.91 -0.63 -9.14
CA GLY A 20 3.14 -1.63 -9.86
C GLY A 20 2.06 -2.26 -9.00
N PHE A 21 1.15 -1.43 -8.50
CA PHE A 21 0.06 -1.91 -7.65
C PHE A 21 -1.29 -1.42 -8.17
N SER A 22 -2.35 -2.06 -7.71
CA SER A 22 -3.70 -1.69 -8.13
C SER A 22 -4.20 -0.47 -7.37
N LYS A 23 -4.60 0.56 -8.10
CA LYS A 23 -5.10 1.80 -7.48
C LYS A 23 -5.94 1.48 -6.25
N GLU A 24 -6.86 0.54 -6.40
CA GLU A 24 -7.73 0.15 -5.30
C GLU A 24 -6.93 -0.49 -4.16
N ALA A 25 -6.06 -1.43 -4.51
CA ALA A 25 -5.23 -2.11 -3.53
C ALA A 25 -4.42 -1.11 -2.71
N SER A 26 -3.77 -0.17 -3.40
CA SER A 26 -2.95 0.84 -2.74
C SER A 26 -3.82 1.78 -1.92
N ARG A 27 -4.86 2.33 -2.55
CA ARG A 27 -5.77 3.25 -1.88
C ARG A 27 -6.30 2.63 -0.59
N GLN A 28 -7.05 1.55 -0.72
CA GLN A 28 -7.63 0.87 0.44
C GLN A 28 -6.57 0.60 1.48
N ALA A 29 -5.45 0.03 1.06
CA ALA A 29 -4.35 -0.29 1.96
C ALA A 29 -3.99 0.91 2.82
N LEU A 30 -3.53 1.98 2.19
CA LEU A 30 -3.15 3.19 2.90
C LEU A 30 -4.20 3.56 3.94
N MET A 31 -5.45 3.61 3.51
CA MET A 31 -6.56 3.94 4.40
C MET A 31 -6.58 3.02 5.62
N ASP A 32 -6.14 1.78 5.43
CA ASP A 32 -6.11 0.80 6.51
C ASP A 32 -4.86 0.99 7.37
N ASN A 33 -3.83 1.59 6.79
CA ASN A 33 -2.58 1.83 7.51
C ASN A 33 -2.44 3.30 7.87
N GLY A 34 -3.57 3.98 8.03
CA GLY A 34 -3.54 5.39 8.37
C GLY A 34 -2.72 6.21 7.40
N ASN A 35 -3.03 6.07 6.11
CA ASN A 35 -2.30 6.79 5.07
C ASN A 35 -0.79 6.65 5.25
N ASN A 36 -0.36 5.42 5.55
CA ASN A 36 1.05 5.15 5.74
C ASN A 36 1.72 4.77 4.42
N LEU A 37 2.56 5.67 3.91
CA LEU A 37 3.26 5.45 2.65
C LEU A 37 3.95 4.09 2.66
N GLU A 38 4.82 3.87 3.65
CA GLU A 38 5.55 2.61 3.77
C GLU A 38 4.60 1.47 4.14
N ALA A 39 4.07 1.53 5.36
CA ALA A 39 3.16 0.50 5.84
C ALA A 39 2.24 0.01 4.72
N ALA A 40 1.74 0.94 3.93
CA ALA A 40 0.86 0.60 2.82
C ALA A 40 1.35 -0.62 2.07
N LEU A 41 2.51 -0.50 1.44
CA LEU A 41 3.10 -1.60 0.69
C LEU A 41 3.15 -2.86 1.53
N ASN A 42 3.81 -2.78 2.69
CA ASN A 42 3.92 -3.93 3.58
C ASN A 42 2.67 -4.78 3.55
N VAL A 43 1.51 -4.14 3.70
CA VAL A 43 0.24 -4.83 3.68
C VAL A 43 -0.04 -5.45 2.31
N LEU A 44 0.29 -4.71 1.27
CA LEU A 44 0.08 -5.18 -0.10
C LEU A 44 1.00 -6.36 -0.42
N LEU A 45 2.16 -6.39 0.24
CA LEU A 45 3.12 -7.46 0.03
C LEU A 45 2.74 -8.70 0.82
N THR A 46 2.67 -8.56 2.14
CA THR A 46 2.31 -9.67 3.01
C THR A 46 1.16 -10.48 2.43
N SER A 47 0.23 -9.79 1.77
CA SER A 47 -0.92 -10.45 1.17
C SER A 47 -0.76 -10.52 -0.35
N ASN A 48 0.27 -11.23 -0.79
CA ASN A 48 0.54 -11.39 -2.22
C ASN A 48 1.16 -12.76 -2.51
N LYS A 49 0.82 -13.31 -3.66
CA LYS A 49 1.34 -14.62 -4.07
C LYS A 49 2.81 -14.75 -3.69
N GLN A 50 3.09 -15.70 -2.79
CA GLN A 50 4.46 -15.93 -2.35
C GLN A 50 4.62 -17.34 -1.78
N LYS A 51 5.85 -17.81 -1.69
CA LYS A 51 6.15 -19.14 -1.17
C LYS A 51 5.79 -19.23 0.31
N PRO A 52 5.22 -20.38 0.70
CA PRO A 52 4.82 -20.63 2.10
C PRO A 52 6.02 -20.78 3.03
N VAL A 53 6.18 -19.83 3.94
CA VAL A 53 7.29 -19.86 4.88
C VAL A 53 6.98 -20.78 6.06
N MET A 54 7.99 -21.51 6.52
CA MET A 54 7.82 -22.43 7.64
C MET A 54 7.49 -21.66 8.92
N GLY A 55 6.21 -21.51 9.21
CA GLY A 55 5.79 -20.80 10.40
C GLY A 55 4.30 -20.50 10.40
N PRO A 56 3.94 -19.30 9.97
CA PRO A 56 2.54 -18.86 9.92
C PRO A 56 1.74 -19.61 8.84
N PRO A 57 0.43 -19.80 9.10
CA PRO A 57 -0.46 -20.49 8.18
C PRO A 57 -0.74 -19.68 6.91
N SER A 58 -0.79 -18.36 7.06
CA SER A 58 -1.05 -17.47 5.95
C SER A 58 -0.85 -16.01 6.35
N GLY A 59 -1.00 -15.11 5.38
CA GLY A 59 -0.83 -13.70 5.66
C GLY A 59 -1.98 -12.85 5.14
N PRO A 60 -3.20 -13.14 5.62
CA PRO A 60 -4.41 -12.43 5.22
C PRO A 60 -4.43 -10.99 5.75
N SER A 61 -5.44 -10.24 5.34
CA SER A 61 -5.58 -8.85 5.77
C SER A 61 -7.03 -8.52 6.07
N SER A 62 -7.26 -7.79 7.16
CA SER A 62 -8.60 -7.41 7.58
C SER A 62 -9.04 -6.14 6.86
N GLY A 63 -8.74 -6.05 5.57
CA GLY A 63 -9.12 -4.89 4.79
C GLY A 63 -10.60 -4.57 4.90
N GLY A 1 -27.51 0.41 4.90
CA GLY A 1 -27.23 0.41 3.47
C GLY A 1 -25.74 0.51 3.17
N SER A 2 -25.32 1.65 2.64
CA SER A 2 -23.91 1.85 2.30
C SER A 2 -23.52 3.32 2.47
N SER A 3 -22.25 3.55 2.72
CA SER A 3 -21.75 4.92 2.91
C SER A 3 -20.44 5.12 2.15
N GLY A 4 -19.92 6.34 2.19
CA GLY A 4 -18.68 6.65 1.50
C GLY A 4 -17.74 7.48 2.35
N SER A 5 -16.49 7.06 2.42
CA SER A 5 -15.48 7.77 3.21
C SER A 5 -14.11 7.67 2.55
N SER A 6 -13.45 8.82 2.41
CA SER A 6 -12.13 8.88 1.78
C SER A 6 -11.07 9.26 2.81
N GLY A 7 -10.10 8.37 3.01
CA GLY A 7 -9.03 8.63 3.96
C GLY A 7 -7.69 8.11 3.48
N VAL A 8 -7.26 8.59 2.32
CA VAL A 8 -5.98 8.18 1.75
C VAL A 8 -5.19 9.37 1.22
N ASP A 9 -3.87 9.28 1.27
CA ASP A 9 -3.00 10.35 0.80
C ASP A 9 -2.57 10.10 -0.65
N GLU A 10 -3.29 10.70 -1.58
CA GLU A 10 -2.97 10.54 -3.00
C GLU A 10 -1.46 10.56 -3.23
N LYS A 11 -0.81 11.61 -2.78
CA LYS A 11 0.63 11.75 -2.93
C LYS A 11 1.34 10.45 -2.55
N ALA A 12 0.92 9.86 -1.42
CA ALA A 12 1.51 8.62 -0.95
C ALA A 12 1.07 7.43 -1.81
N LEU A 13 -0.19 7.47 -2.24
CA LEU A 13 -0.75 6.40 -3.06
C LEU A 13 0.03 6.25 -4.36
N LYS A 14 0.13 7.34 -5.12
CA LYS A 14 0.85 7.33 -6.38
C LYS A 14 2.21 6.62 -6.24
N HIS A 15 3.04 7.14 -5.33
CA HIS A 15 4.35 6.56 -5.08
C HIS A 15 4.29 5.03 -5.14
N ILE A 16 3.24 4.47 -4.55
CA ILE A 16 3.06 3.02 -4.52
C ILE A 16 2.64 2.49 -5.88
N THR A 17 1.46 2.94 -6.34
CA THR A 17 0.94 2.51 -7.63
C THR A 17 2.04 2.45 -8.67
N GLU A 18 2.94 3.42 -8.65
CA GLU A 18 4.05 3.47 -9.60
C GLU A 18 4.77 2.12 -9.66
N MET A 19 5.01 1.53 -8.50
CA MET A 19 5.69 0.24 -8.43
C MET A 19 4.95 -0.81 -9.24
N GLY A 20 3.63 -0.66 -9.33
CA GLY A 20 2.83 -1.61 -10.08
C GLY A 20 1.75 -2.26 -9.23
N PHE A 21 1.03 -1.45 -8.47
CA PHE A 21 -0.03 -1.96 -7.60
C PHE A 21 -1.39 -1.39 -8.00
N SER A 22 -2.41 -2.23 -7.95
CA SER A 22 -3.76 -1.81 -8.31
C SER A 22 -4.20 -0.60 -7.48
N LYS A 23 -4.51 0.50 -8.16
CA LYS A 23 -4.93 1.73 -7.49
C LYS A 23 -5.86 1.40 -6.32
N GLU A 24 -6.82 0.52 -6.55
CA GLU A 24 -7.77 0.13 -5.51
C GLU A 24 -7.06 -0.59 -4.38
N ALA A 25 -6.16 -1.52 -4.73
CA ALA A 25 -5.42 -2.28 -3.74
C ALA A 25 -4.62 -1.35 -2.82
N SER A 26 -3.91 -0.41 -3.43
CA SER A 26 -3.10 0.53 -2.67
C SER A 26 -3.98 1.49 -1.87
N ARG A 27 -4.82 2.24 -2.58
CA ARG A 27 -5.71 3.20 -1.96
C ARG A 27 -6.31 2.62 -0.68
N GLN A 28 -7.01 1.50 -0.81
CA GLN A 28 -7.62 0.85 0.36
C GLN A 28 -6.59 0.58 1.44
N ALA A 29 -5.45 0.04 1.04
CA ALA A 29 -4.38 -0.27 1.98
C ALA A 29 -4.04 0.95 2.85
N LEU A 30 -3.52 1.99 2.21
CA LEU A 30 -3.16 3.21 2.92
C LEU A 30 -4.21 3.58 3.96
N MET A 31 -5.46 3.65 3.52
CA MET A 31 -6.57 3.98 4.41
C MET A 31 -6.53 3.14 5.67
N ASP A 32 -6.27 1.84 5.50
CA ASP A 32 -6.20 0.92 6.63
C ASP A 32 -4.98 1.22 7.50
N ASN A 33 -3.88 1.57 6.86
CA ASN A 33 -2.64 1.88 7.57
C ASN A 33 -2.55 3.37 7.88
N GLY A 34 -3.70 4.00 8.08
CA GLY A 34 -3.74 5.42 8.38
C GLY A 34 -2.86 6.23 7.44
N ASN A 35 -3.10 6.08 6.14
CA ASN A 35 -2.32 6.80 5.13
C ASN A 35 -0.83 6.61 5.36
N ASN A 36 -0.41 5.36 5.55
CA ASN A 36 0.99 5.05 5.78
C ASN A 36 1.70 4.75 4.47
N LEU A 37 2.47 5.70 3.99
CA LEU A 37 3.21 5.55 2.74
C LEU A 37 3.90 4.19 2.69
N GLU A 38 4.75 3.92 3.69
CA GLU A 38 5.48 2.67 3.75
C GLU A 38 4.55 1.51 4.13
N ALA A 39 4.05 1.54 5.35
CA ALA A 39 3.15 0.51 5.85
C ALA A 39 2.20 0.06 4.73
N ALA A 40 1.74 1.00 3.92
CA ALA A 40 0.83 0.69 2.83
C ALA A 40 1.31 -0.53 2.04
N LEU A 41 2.43 -0.37 1.35
CA LEU A 41 2.99 -1.47 0.56
C LEU A 41 3.08 -2.75 1.37
N ASN A 42 3.77 -2.68 2.50
CA ASN A 42 3.92 -3.84 3.38
C ASN A 42 2.66 -4.71 3.36
N VAL A 43 1.53 -4.10 3.72
CA VAL A 43 0.26 -4.81 3.75
C VAL A 43 -0.02 -5.49 2.41
N LEU A 44 0.26 -4.77 1.32
CA LEU A 44 0.04 -5.30 -0.03
C LEU A 44 1.00 -6.45 -0.32
N LEU A 45 2.22 -6.35 0.19
CA LEU A 45 3.23 -7.38 -0.01
C LEU A 45 2.90 -8.63 0.80
N THR A 46 2.83 -8.48 2.11
CA THR A 46 2.51 -9.60 2.99
C THR A 46 1.26 -10.34 2.53
N SER A 47 0.27 -9.58 2.07
CA SER A 47 -0.98 -10.16 1.59
C SER A 47 -1.38 -9.57 0.25
N ASN A 48 -0.82 -10.13 -0.82
CA ASN A 48 -1.11 -9.66 -2.16
C ASN A 48 -2.15 -10.55 -2.84
N LYS A 49 -2.88 -9.99 -3.79
CA LYS A 49 -3.91 -10.73 -4.52
C LYS A 49 -4.15 -10.12 -5.90
N GLN A 50 -4.08 -10.96 -6.93
CA GLN A 50 -4.30 -10.51 -8.29
C GLN A 50 -5.74 -10.06 -8.50
N LYS A 51 -5.91 -8.82 -8.97
CA LYS A 51 -7.24 -8.28 -9.21
C LYS A 51 -7.45 -8.01 -10.70
N PRO A 52 -8.71 -8.13 -11.14
CA PRO A 52 -9.07 -7.91 -12.55
C PRO A 52 -8.98 -6.43 -12.94
N VAL A 53 -8.07 -6.13 -13.87
CA VAL A 53 -7.89 -4.76 -14.33
C VAL A 53 -9.00 -4.34 -15.28
N MET A 54 -9.71 -3.28 -14.91
CA MET A 54 -10.81 -2.77 -15.74
C MET A 54 -10.93 -1.26 -15.62
N GLY A 55 -11.01 -0.58 -16.76
CA GLY A 55 -11.13 0.87 -16.76
C GLY A 55 -11.87 1.39 -17.97
N PRO A 56 -12.63 2.49 -17.78
CA PRO A 56 -13.40 3.11 -18.86
C PRO A 56 -12.51 3.78 -19.90
N PRO A 57 -12.98 3.79 -21.15
CA PRO A 57 -12.24 4.41 -22.27
C PRO A 57 -12.20 5.93 -22.17
N SER A 58 -11.03 6.50 -22.44
CA SER A 58 -10.84 7.94 -22.38
C SER A 58 -10.98 8.56 -23.77
N GLY A 59 -10.24 8.01 -24.73
CA GLY A 59 -10.28 8.52 -26.09
C GLY A 59 -8.95 8.41 -26.80
N PRO A 60 -8.99 8.18 -28.11
CA PRO A 60 -7.78 8.04 -28.94
C PRO A 60 -7.05 9.36 -29.10
N SER A 61 -5.77 9.29 -29.49
CA SER A 61 -4.95 10.48 -29.68
C SER A 61 -5.07 11.00 -31.11
N SER A 62 -5.69 12.16 -31.26
CA SER A 62 -5.88 12.77 -32.57
C SER A 62 -5.15 14.11 -32.66
N GLY A 63 -5.05 14.64 -33.87
CA GLY A 63 -4.38 15.92 -34.07
C GLY A 63 -4.76 16.94 -33.02
N GLY A 1 -6.92 22.73 2.39
CA GLY A 1 -6.51 21.76 1.38
C GLY A 1 -7.57 21.55 0.33
N SER A 2 -7.37 20.53 -0.51
CA SER A 2 -8.31 20.22 -1.58
C SER A 2 -9.72 20.04 -1.02
N SER A 3 -10.72 20.19 -1.90
CA SER A 3 -12.11 20.05 -1.49
C SER A 3 -12.38 18.65 -0.96
N GLY A 4 -13.13 18.56 0.13
CA GLY A 4 -13.45 17.27 0.71
C GLY A 4 -12.21 16.44 0.99
N SER A 5 -12.43 15.21 1.43
CA SER A 5 -11.32 14.30 1.73
C SER A 5 -11.79 12.85 1.75
N SER A 6 -11.21 12.03 0.88
CA SER A 6 -11.57 10.62 0.80
C SER A 6 -11.00 9.84 1.98
N GLY A 7 -9.79 10.20 2.40
CA GLY A 7 -9.16 9.53 3.52
C GLY A 7 -7.77 9.03 3.19
N VAL A 8 -7.50 8.83 1.90
CA VAL A 8 -6.20 8.36 1.45
C VAL A 8 -5.37 9.50 0.86
N ASP A 9 -4.09 9.54 1.22
CA ASP A 9 -3.19 10.58 0.71
C ASP A 9 -2.73 10.25 -0.70
N GLU A 10 -3.40 10.81 -1.69
CA GLU A 10 -3.05 10.57 -3.08
C GLU A 10 -1.53 10.59 -3.27
N LYS A 11 -0.88 11.60 -2.71
CA LYS A 11 0.57 11.74 -2.81
C LYS A 11 1.26 10.42 -2.47
N ALA A 12 0.80 9.78 -1.39
CA ALA A 12 1.38 8.52 -0.95
C ALA A 12 0.96 7.37 -1.88
N LEU A 13 -0.26 7.48 -2.43
CA LEU A 13 -0.78 6.45 -3.32
C LEU A 13 0.04 6.38 -4.61
N LYS A 14 0.10 7.51 -5.32
CA LYS A 14 0.86 7.58 -6.56
C LYS A 14 2.22 6.90 -6.42
N HIS A 15 3.00 7.35 -5.43
CA HIS A 15 4.32 6.79 -5.19
C HIS A 15 4.28 5.27 -5.25
N ILE A 16 3.24 4.68 -4.67
CA ILE A 16 3.09 3.24 -4.65
C ILE A 16 2.67 2.71 -6.03
N THR A 17 1.51 3.15 -6.49
CA THR A 17 1.00 2.73 -7.79
C THR A 17 2.12 2.59 -8.81
N GLU A 18 3.13 3.45 -8.68
CA GLU A 18 4.27 3.42 -9.59
C GLU A 18 4.90 2.03 -9.64
N MET A 19 5.13 1.46 -8.47
CA MET A 19 5.73 0.13 -8.37
C MET A 19 4.90 -0.89 -9.14
N GLY A 20 3.61 -0.64 -9.26
CA GLY A 20 2.73 -1.54 -9.97
C GLY A 20 1.68 -2.17 -9.08
N PHE A 21 0.99 -1.34 -8.30
CA PHE A 21 -0.05 -1.82 -7.39
C PHE A 21 -1.41 -1.23 -7.76
N SER A 22 -2.39 -2.11 -7.95
CA SER A 22 -3.73 -1.68 -8.31
C SER A 22 -4.16 -0.48 -7.47
N LYS A 23 -4.51 0.61 -8.14
CA LYS A 23 -4.94 1.83 -7.46
C LYS A 23 -5.87 1.49 -6.28
N GLU A 24 -6.66 0.43 -6.45
CA GLU A 24 -7.60 0.02 -5.42
C GLU A 24 -6.85 -0.62 -4.24
N ALA A 25 -5.95 -1.55 -4.55
CA ALA A 25 -5.17 -2.22 -3.52
C ALA A 25 -4.45 -1.22 -2.62
N SER A 26 -3.75 -0.27 -3.25
CA SER A 26 -3.01 0.74 -2.50
C SER A 26 -3.97 1.66 -1.76
N ARG A 27 -4.83 2.36 -2.50
CA ARG A 27 -5.80 3.28 -1.91
C ARG A 27 -6.36 2.71 -0.61
N GLN A 28 -6.94 1.52 -0.69
CA GLN A 28 -7.53 0.86 0.47
C GLN A 28 -6.48 0.69 1.58
N ALA A 29 -5.44 -0.06 1.28
CA ALA A 29 -4.37 -0.30 2.24
C ALA A 29 -4.03 0.97 3.02
N LEU A 30 -3.66 2.02 2.29
CA LEU A 30 -3.31 3.29 2.91
C LEU A 30 -4.35 3.70 3.95
N MET A 31 -5.62 3.70 3.53
CA MET A 31 -6.72 4.06 4.42
C MET A 31 -6.73 3.17 5.66
N ASP A 32 -6.23 1.95 5.50
CA ASP A 32 -6.19 0.98 6.60
C ASP A 32 -5.00 1.25 7.51
N ASN A 33 -3.86 1.53 6.91
CA ASN A 33 -2.64 1.81 7.68
C ASN A 33 -2.63 3.25 8.17
N GLY A 34 -3.60 4.03 7.71
CA GLY A 34 -3.68 5.42 8.13
C GLY A 34 -2.83 6.33 7.26
N ASN A 35 -3.06 6.30 5.96
CA ASN A 35 -2.31 7.12 5.02
C ASN A 35 -0.81 6.87 5.15
N ASN A 36 -0.45 5.63 5.48
CA ASN A 36 0.95 5.25 5.64
C ASN A 36 1.54 4.80 4.30
N LEU A 37 2.42 5.64 3.74
CA LEU A 37 3.06 5.34 2.47
C LEU A 37 3.81 4.02 2.54
N GLU A 38 4.64 3.87 3.57
CA GLU A 38 5.41 2.64 3.76
C GLU A 38 4.50 1.46 4.10
N ALA A 39 3.91 1.51 5.29
CA ALA A 39 3.01 0.46 5.74
C ALA A 39 2.15 -0.06 4.60
N ALA A 40 1.66 0.87 3.77
CA ALA A 40 0.82 0.51 2.63
C ALA A 40 1.37 -0.72 1.92
N LEU A 41 2.57 -0.59 1.37
CA LEU A 41 3.21 -1.69 0.64
C LEU A 41 3.26 -2.95 1.51
N ASN A 42 3.89 -2.84 2.66
CA ASN A 42 4.00 -3.96 3.59
C ASN A 42 2.76 -4.84 3.53
N VAL A 43 1.59 -4.22 3.73
CA VAL A 43 0.33 -4.95 3.70
C VAL A 43 0.09 -5.59 2.34
N LEU A 44 0.26 -4.81 1.29
CA LEU A 44 0.07 -5.30 -0.07
C LEU A 44 0.96 -6.51 -0.35
N LEU A 45 2.15 -6.49 0.23
CA LEU A 45 3.10 -7.59 0.05
C LEU A 45 2.71 -8.79 0.92
N THR A 46 2.68 -8.58 2.22
CA THR A 46 2.33 -9.65 3.16
C THR A 46 1.29 -10.58 2.56
N SER A 47 0.32 -10.00 1.85
CA SER A 47 -0.75 -10.77 1.23
C SER A 47 -0.27 -11.40 -0.08
N ASN A 48 0.19 -10.55 -0.99
CA ASN A 48 0.67 -11.00 -2.29
C ASN A 48 2.05 -11.64 -2.16
N LYS A 49 2.09 -12.97 -2.17
CA LYS A 49 3.36 -13.69 -2.05
C LYS A 49 4.41 -13.09 -2.97
N GLN A 50 5.68 -13.21 -2.56
CA GLN A 50 6.79 -12.67 -3.34
C GLN A 50 8.04 -13.51 -3.15
N LYS A 51 8.84 -13.62 -4.20
CA LYS A 51 10.07 -14.39 -4.15
C LYS A 51 11.17 -13.63 -3.41
N PRO A 52 11.94 -14.35 -2.59
CA PRO A 52 13.03 -13.77 -1.79
C PRO A 52 14.20 -13.33 -2.67
N VAL A 53 14.65 -12.09 -2.47
CA VAL A 53 15.77 -11.55 -3.24
C VAL A 53 17.10 -11.95 -2.62
N MET A 54 18.07 -12.25 -3.48
CA MET A 54 19.39 -12.65 -3.03
C MET A 54 20.48 -12.06 -3.92
N GLY A 55 21.62 -11.74 -3.32
CA GLY A 55 22.72 -11.18 -4.07
C GLY A 55 23.98 -12.02 -4.00
N PRO A 56 24.96 -11.70 -4.86
CA PRO A 56 26.24 -12.43 -4.90
C PRO A 56 27.09 -12.18 -3.66
N PRO A 57 27.89 -13.19 -3.29
CA PRO A 57 28.77 -13.12 -2.12
C PRO A 57 29.93 -12.15 -2.33
N SER A 58 30.79 -12.03 -1.32
CA SER A 58 31.94 -11.13 -1.39
C SER A 58 33.21 -11.85 -0.96
N GLY A 59 33.31 -13.13 -1.28
CA GLY A 59 34.47 -13.91 -0.90
C GLY A 59 34.66 -13.99 0.59
N PRO A 60 33.66 -14.54 1.29
CA PRO A 60 33.70 -14.68 2.75
C PRO A 60 34.73 -15.71 3.20
N SER A 61 35.28 -16.45 2.25
CA SER A 61 36.28 -17.48 2.55
C SER A 61 37.44 -16.89 3.34
N SER A 62 37.73 -17.49 4.49
CA SER A 62 38.82 -17.02 5.34
C SER A 62 40.15 -17.03 4.58
N GLY A 63 40.65 -15.83 4.29
CA GLY A 63 41.90 -15.71 3.56
C GLY A 63 42.79 -14.63 4.13
N GLY A 1 -24.41 8.27 0.69
CA GLY A 1 -24.00 8.31 -0.70
C GLY A 1 -23.26 7.06 -1.13
N SER A 2 -22.79 7.05 -2.38
CA SER A 2 -22.06 5.91 -2.91
C SER A 2 -20.68 5.80 -2.27
N SER A 3 -19.94 6.90 -2.27
CA SER A 3 -18.60 6.93 -1.69
C SER A 3 -18.66 6.77 -0.17
N GLY A 4 -17.91 5.81 0.36
CA GLY A 4 -17.89 5.58 1.78
C GLY A 4 -16.56 5.95 2.41
N SER A 5 -16.20 5.25 3.48
CA SER A 5 -14.94 5.52 4.18
C SER A 5 -13.84 5.91 3.20
N SER A 6 -13.31 7.12 3.36
CA SER A 6 -12.26 7.62 2.48
C SER A 6 -11.19 8.35 3.28
N GLY A 7 -9.96 7.85 3.22
CA GLY A 7 -8.87 8.47 3.94
C GLY A 7 -7.51 8.01 3.44
N VAL A 8 -7.17 8.44 2.22
CA VAL A 8 -5.89 8.07 1.62
C VAL A 8 -5.16 9.31 1.11
N ASP A 9 -3.83 9.27 1.19
CA ASP A 9 -3.00 10.39 0.74
C ASP A 9 -2.55 10.18 -0.70
N GLU A 10 -3.31 10.73 -1.65
CA GLU A 10 -2.98 10.60 -3.06
C GLU A 10 -1.47 10.64 -3.28
N LYS A 11 -0.84 11.69 -2.76
CA LYS A 11 0.61 11.84 -2.90
C LYS A 11 1.34 10.56 -2.53
N ALA A 12 0.87 9.91 -1.45
CA ALA A 12 1.48 8.67 -1.00
C ALA A 12 1.02 7.48 -1.85
N LEU A 13 -0.18 7.60 -2.42
CA LEU A 13 -0.73 6.54 -3.25
C LEU A 13 0.02 6.45 -4.58
N LYS A 14 -0.01 7.54 -5.35
CA LYS A 14 0.67 7.57 -6.63
C LYS A 14 2.05 6.93 -6.55
N HIS A 15 2.82 7.33 -5.53
CA HIS A 15 4.16 6.79 -5.33
C HIS A 15 4.13 5.27 -5.28
N ILE A 16 3.14 4.72 -4.58
CA ILE A 16 3.00 3.28 -4.45
C ILE A 16 2.64 2.64 -5.79
N THR A 17 1.62 3.19 -6.45
CA THR A 17 1.17 2.67 -7.73
C THR A 17 2.34 2.53 -8.70
N GLU A 18 3.35 3.39 -8.54
CA GLU A 18 4.52 3.37 -9.41
C GLU A 18 5.16 1.99 -9.41
N MET A 19 4.96 1.25 -8.32
CA MET A 19 5.52 -0.09 -8.20
C MET A 19 4.54 -1.14 -8.72
N GLY A 20 3.60 -0.71 -9.55
CA GLY A 20 2.62 -1.62 -10.10
C GLY A 20 1.67 -2.15 -9.05
N PHE A 21 0.82 -1.28 -8.52
CA PHE A 21 -0.14 -1.67 -7.49
C PHE A 21 -1.51 -1.08 -7.78
N SER A 22 -2.46 -1.95 -8.17
CA SER A 22 -3.81 -1.51 -8.47
C SER A 22 -4.23 -0.35 -7.58
N LYS A 23 -4.71 0.71 -8.19
CA LYS A 23 -5.15 1.90 -7.45
C LYS A 23 -6.04 1.50 -6.29
N GLU A 24 -6.99 0.60 -6.55
CA GLU A 24 -7.91 0.15 -5.52
C GLU A 24 -7.16 -0.60 -4.42
N ALA A 25 -6.16 -1.38 -4.81
CA ALA A 25 -5.36 -2.13 -3.84
C ALA A 25 -4.57 -1.20 -2.93
N SER A 26 -3.84 -0.27 -3.53
CA SER A 26 -3.03 0.68 -2.77
C SER A 26 -3.93 1.61 -1.95
N ARG A 27 -4.89 2.24 -2.62
CA ARG A 27 -5.80 3.16 -1.95
C ARG A 27 -6.26 2.59 -0.62
N GLN A 28 -7.05 1.51 -0.69
CA GLN A 28 -7.57 0.87 0.52
C GLN A 28 -6.47 0.74 1.58
N ALA A 29 -5.46 -0.07 1.27
CA ALA A 29 -4.35 -0.28 2.19
C ALA A 29 -4.03 0.99 2.96
N LEU A 30 -3.55 2.01 2.25
CA LEU A 30 -3.20 3.27 2.87
C LEU A 30 -4.26 3.71 3.88
N MET A 31 -5.52 3.64 3.47
CA MET A 31 -6.63 4.01 4.34
C MET A 31 -6.67 3.12 5.59
N ASP A 32 -6.38 1.83 5.40
CA ASP A 32 -6.38 0.88 6.50
C ASP A 32 -5.19 1.12 7.43
N ASN A 33 -4.07 1.53 6.85
CA ASN A 33 -2.86 1.79 7.61
C ASN A 33 -2.72 3.28 7.91
N GLY A 34 -3.84 3.98 7.99
CA GLY A 34 -3.82 5.40 8.27
C GLY A 34 -2.87 6.15 7.37
N ASN A 35 -3.22 6.28 6.10
CA ASN A 35 -2.38 6.97 5.13
C ASN A 35 -0.90 6.67 5.37
N ASN A 36 -0.57 5.38 5.43
CA ASN A 36 0.80 4.95 5.66
C ASN A 36 1.50 4.65 4.33
N LEU A 37 2.36 5.55 3.90
CA LEU A 37 3.10 5.37 2.65
C LEU A 37 3.80 4.02 2.62
N GLU A 38 4.74 3.83 3.55
CA GLU A 38 5.48 2.57 3.63
C GLU A 38 4.58 1.43 4.06
N ALA A 39 4.12 1.47 5.30
CA ALA A 39 3.24 0.44 5.82
C ALA A 39 2.28 -0.07 4.76
N ALA A 40 1.75 0.86 3.96
CA ALA A 40 0.82 0.50 2.90
C ALA A 40 1.31 -0.71 2.11
N LEU A 41 2.42 -0.53 1.40
CA LEU A 41 3.00 -1.60 0.60
C LEU A 41 3.10 -2.89 1.42
N ASN A 42 3.78 -2.80 2.57
CA ASN A 42 3.95 -3.94 3.44
C ASN A 42 2.71 -4.84 3.44
N VAL A 43 1.57 -4.26 3.78
CA VAL A 43 0.31 -4.99 3.81
C VAL A 43 0.02 -5.64 2.46
N LEU A 44 0.31 -4.91 1.39
CA LEU A 44 0.09 -5.41 0.03
C LEU A 44 1.03 -6.56 -0.29
N LEU A 45 2.25 -6.49 0.25
CA LEU A 45 3.24 -7.53 0.02
C LEU A 45 2.94 -8.76 0.86
N THR A 46 3.01 -8.60 2.18
CA THR A 46 2.75 -9.71 3.10
C THR A 46 1.58 -10.57 2.60
N SER A 47 0.53 -9.91 2.11
CA SER A 47 -0.64 -10.62 1.61
C SER A 47 -0.32 -11.34 0.31
N ASN A 48 0.04 -10.59 -0.72
CA ASN A 48 0.37 -11.16 -2.01
C ASN A 48 1.32 -12.34 -1.86
N LYS A 49 2.47 -12.09 -1.24
CA LYS A 49 3.47 -13.12 -1.03
C LYS A 49 2.87 -14.32 -0.29
N GLN A 50 3.42 -15.50 -0.54
CA GLN A 50 2.93 -16.72 0.11
C GLN A 50 2.72 -16.50 1.59
N LYS A 51 1.78 -17.25 2.17
CA LYS A 51 1.49 -17.14 3.60
C LYS A 51 2.53 -17.87 4.43
N PRO A 52 2.92 -17.26 5.56
CA PRO A 52 3.92 -17.83 6.46
C PRO A 52 3.39 -19.06 7.20
N VAL A 53 4.19 -19.59 8.12
CA VAL A 53 3.79 -20.75 8.90
C VAL A 53 3.57 -20.38 10.36
N MET A 54 2.53 -20.96 10.96
CA MET A 54 2.21 -20.69 12.36
C MET A 54 3.42 -20.93 13.25
N GLY A 55 3.79 -19.91 14.02
CA GLY A 55 4.94 -20.02 14.90
C GLY A 55 4.82 -19.14 16.13
N PRO A 56 5.43 -17.94 16.05
CA PRO A 56 5.41 -16.97 17.14
C PRO A 56 4.03 -16.36 17.36
N PRO A 57 3.78 -15.85 18.58
CA PRO A 57 2.50 -15.23 18.92
C PRO A 57 2.28 -13.90 18.21
N SER A 58 1.02 -13.52 18.05
CA SER A 58 0.68 -12.27 17.39
C SER A 58 -0.75 -11.86 17.72
N GLY A 59 -0.96 -10.55 17.87
CA GLY A 59 -2.29 -10.05 18.18
C GLY A 59 -2.89 -9.25 17.04
N PRO A 60 -4.23 -9.32 16.90
CA PRO A 60 -4.95 -8.61 15.84
C PRO A 60 -4.96 -7.10 16.06
N SER A 61 -5.07 -6.68 17.32
CA SER A 61 -5.10 -5.27 17.66
C SER A 61 -4.11 -4.49 16.79
N SER A 62 -4.66 -3.73 15.84
CA SER A 62 -3.83 -2.93 14.95
C SER A 62 -2.85 -2.07 15.72
N GLY A 63 -1.63 -1.94 15.20
CA GLY A 63 -0.63 -1.13 15.86
C GLY A 63 -0.20 -1.72 17.19
N GLY A 1 -20.99 5.82 -0.49
CA GLY A 1 -19.87 6.38 -1.21
C GLY A 1 -20.00 7.88 -1.39
N SER A 2 -20.67 8.29 -2.48
CA SER A 2 -20.85 9.71 -2.77
C SER A 2 -19.52 10.43 -2.83
N SER A 3 -18.54 9.81 -3.48
CA SER A 3 -17.20 10.39 -3.61
C SER A 3 -16.70 10.89 -2.26
N GLY A 4 -16.97 10.12 -1.21
CA GLY A 4 -16.54 10.49 0.12
C GLY A 4 -15.86 9.35 0.86
N SER A 5 -15.91 9.39 2.18
CA SER A 5 -15.29 8.36 3.00
C SER A 5 -13.91 7.97 2.45
N SER A 6 -13.19 8.96 1.97
CA SER A 6 -11.85 8.73 1.41
C SER A 6 -10.77 9.26 2.35
N GLY A 7 -10.12 8.35 3.07
CA GLY A 7 -9.07 8.75 4.00
C GLY A 7 -7.71 8.28 3.55
N VAL A 8 -7.29 8.69 2.37
CA VAL A 8 -5.99 8.30 1.82
C VAL A 8 -5.24 9.51 1.27
N ASP A 9 -3.92 9.44 1.29
CA ASP A 9 -3.08 10.52 0.79
C ASP A 9 -2.57 10.20 -0.62
N GLU A 10 -3.27 10.71 -1.62
CA GLU A 10 -2.89 10.48 -3.01
C GLU A 10 -1.38 10.43 -3.16
N LYS A 11 -0.71 11.51 -2.72
CA LYS A 11 0.74 11.59 -2.80
C LYS A 11 1.38 10.26 -2.42
N ALA A 12 0.89 9.66 -1.34
CA ALA A 12 1.42 8.39 -0.86
C ALA A 12 0.94 7.23 -1.74
N LEU A 13 -0.24 7.40 -2.33
CA LEU A 13 -0.82 6.38 -3.20
C LEU A 13 -0.03 6.26 -4.49
N LYS A 14 0.00 7.34 -5.26
CA LYS A 14 0.71 7.37 -6.54
C LYS A 14 2.08 6.69 -6.40
N HIS A 15 2.90 7.20 -5.49
CA HIS A 15 4.23 6.64 -5.26
C HIS A 15 4.20 5.12 -5.32
N ILE A 16 3.18 4.53 -4.72
CA ILE A 16 3.03 3.08 -4.70
C ILE A 16 2.58 2.56 -6.06
N THR A 17 1.44 3.06 -6.53
CA THR A 17 0.89 2.64 -7.81
C THR A 17 1.99 2.53 -8.87
N GLU A 18 2.98 3.41 -8.78
CA GLU A 18 4.10 3.40 -9.71
C GLU A 18 4.83 2.07 -9.69
N MET A 19 5.06 1.55 -8.49
CA MET A 19 5.75 0.27 -8.32
C MET A 19 4.99 -0.85 -9.02
N GLY A 20 3.69 -0.65 -9.20
CA GLY A 20 2.87 -1.66 -9.86
C GLY A 20 1.81 -2.22 -8.94
N PHE A 21 1.01 -1.34 -8.34
CA PHE A 21 -0.05 -1.76 -7.43
C PHE A 21 -1.40 -1.17 -7.85
N SER A 22 -2.42 -2.01 -7.89
CA SER A 22 -3.75 -1.57 -8.28
C SER A 22 -4.12 -0.27 -7.58
N LYS A 23 -4.56 0.71 -8.36
CA LYS A 23 -4.95 2.01 -7.82
C LYS A 23 -5.94 1.84 -6.68
N GLU A 24 -6.55 0.67 -6.59
CA GLU A 24 -7.52 0.38 -5.54
C GLU A 24 -6.87 -0.37 -4.38
N ALA A 25 -6.04 -1.36 -4.71
CA ALA A 25 -5.35 -2.14 -3.70
C ALA A 25 -4.57 -1.24 -2.74
N SER A 26 -3.87 -0.26 -3.30
CA SER A 26 -3.08 0.66 -2.49
C SER A 26 -3.97 1.66 -1.76
N ARG A 27 -4.91 2.26 -2.49
CA ARG A 27 -5.83 3.22 -1.92
C ARG A 27 -6.46 2.67 -0.63
N GLN A 28 -7.13 1.53 -0.76
CA GLN A 28 -7.79 0.91 0.38
C GLN A 28 -6.79 0.63 1.50
N ALA A 29 -5.65 0.05 1.14
CA ALA A 29 -4.61 -0.26 2.11
C ALA A 29 -4.25 0.97 2.94
N LEU A 30 -3.77 2.01 2.27
CA LEU A 30 -3.38 3.25 2.95
C LEU A 30 -4.42 3.64 4.00
N MET A 31 -5.68 3.70 3.58
CA MET A 31 -6.77 4.07 4.48
C MET A 31 -6.74 3.20 5.74
N ASP A 32 -6.28 1.97 5.59
CA ASP A 32 -6.21 1.04 6.72
C ASP A 32 -4.96 1.31 7.55
N ASN A 33 -3.92 1.83 6.90
CA ASN A 33 -2.66 2.13 7.59
C ASN A 33 -2.62 3.59 8.03
N GLY A 34 -3.74 4.28 7.86
CA GLY A 34 -3.81 5.68 8.24
C GLY A 34 -3.01 6.58 7.31
N ASN A 35 -3.04 6.26 6.03
CA ASN A 35 -2.30 7.05 5.04
C ASN A 35 -0.80 6.81 5.16
N ASN A 36 -0.42 5.59 5.55
CA ASN A 36 0.97 5.24 5.71
C ASN A 36 1.60 4.87 4.37
N LEU A 37 2.60 5.65 3.95
CA LEU A 37 3.28 5.41 2.69
C LEU A 37 3.99 4.06 2.69
N GLU A 38 4.80 3.82 3.72
CA GLU A 38 5.53 2.57 3.85
C GLU A 38 4.57 1.41 4.17
N ALA A 39 4.01 1.45 5.37
CA ALA A 39 3.08 0.41 5.81
C ALA A 39 2.19 -0.04 4.66
N ALA A 40 1.77 0.92 3.84
CA ALA A 40 0.90 0.62 2.70
C ALA A 40 1.40 -0.60 1.94
N LEU A 41 2.59 -0.48 1.35
CA LEU A 41 3.19 -1.58 0.59
C LEU A 41 3.20 -2.86 1.41
N ASN A 42 3.88 -2.81 2.56
CA ASN A 42 3.97 -3.97 3.44
C ASN A 42 2.68 -4.79 3.40
N VAL A 43 1.58 -4.16 3.78
CA VAL A 43 0.28 -4.82 3.79
C VAL A 43 -0.01 -5.47 2.44
N LEU A 44 0.40 -4.81 1.38
CA LEU A 44 0.17 -5.33 0.03
C LEU A 44 1.10 -6.52 -0.26
N LEU A 45 2.32 -6.45 0.26
CA LEU A 45 3.30 -7.51 0.06
C LEU A 45 2.99 -8.71 0.96
N THR A 46 3.05 -8.49 2.27
CA THR A 46 2.78 -9.55 3.24
C THR A 46 1.59 -10.39 2.80
N SER A 47 0.55 -9.73 2.32
CA SER A 47 -0.66 -10.42 1.87
C SER A 47 -0.41 -11.15 0.56
N ASN A 48 0.24 -10.47 -0.39
CA ASN A 48 0.53 -11.04 -1.69
C ASN A 48 2.00 -11.43 -1.78
N LYS A 49 2.33 -12.63 -1.33
CA LYS A 49 3.71 -13.13 -1.37
C LYS A 49 4.32 -12.90 -2.75
N GLN A 50 5.54 -12.37 -2.77
CA GLN A 50 6.24 -12.12 -4.02
C GLN A 50 7.58 -12.84 -4.05
N LYS A 51 7.85 -13.52 -5.16
CA LYS A 51 9.11 -14.26 -5.32
C LYS A 51 10.21 -13.35 -5.84
N PRO A 52 11.42 -13.52 -5.28
CA PRO A 52 12.58 -12.71 -5.69
C PRO A 52 13.06 -13.05 -7.09
N VAL A 53 14.11 -12.35 -7.53
CA VAL A 53 14.67 -12.59 -8.86
C VAL A 53 15.55 -13.83 -8.88
N MET A 54 15.19 -14.80 -9.71
CA MET A 54 15.94 -16.04 -9.83
C MET A 54 17.40 -15.76 -10.18
N GLY A 55 18.32 -16.32 -9.40
CA GLY A 55 19.73 -16.12 -9.64
C GLY A 55 20.47 -15.65 -8.40
N PRO A 56 20.65 -14.33 -8.28
CA PRO A 56 21.35 -13.73 -7.13
C PRO A 56 20.55 -13.85 -5.84
N PRO A 57 21.27 -13.93 -4.71
CA PRO A 57 20.65 -14.06 -3.39
C PRO A 57 19.95 -12.77 -2.96
N SER A 58 19.39 -12.78 -1.76
CA SER A 58 18.69 -11.62 -1.23
C SER A 58 18.64 -11.65 0.30
N GLY A 59 19.15 -10.59 0.93
CA GLY A 59 19.17 -10.52 2.37
C GLY A 59 19.54 -9.15 2.88
N PRO A 60 20.77 -8.71 2.59
CA PRO A 60 21.28 -7.41 3.02
C PRO A 60 20.61 -6.26 2.28
N SER A 61 20.51 -6.39 0.96
CA SER A 61 19.90 -5.34 0.14
C SER A 61 18.38 -5.48 0.16
N SER A 62 17.75 -4.86 1.16
CA SER A 62 16.30 -4.92 1.29
C SER A 62 15.78 -3.70 2.06
N GLY A 63 14.46 -3.51 2.04
CA GLY A 63 13.86 -2.39 2.74
C GLY A 63 12.37 -2.56 2.93
N GLY A 1 -19.83 12.86 5.27
CA GLY A 1 -20.65 12.38 4.17
C GLY A 1 -20.03 11.21 3.44
N SER A 2 -20.79 10.61 2.53
CA SER A 2 -20.30 9.46 1.77
C SER A 2 -20.33 9.76 0.27
N SER A 3 -19.57 8.98 -0.49
CA SER A 3 -19.49 9.16 -1.93
C SER A 3 -18.83 10.49 -2.29
N GLY A 4 -17.75 10.81 -1.58
CA GLY A 4 -17.04 12.05 -1.83
C GLY A 4 -15.57 11.96 -1.46
N SER A 5 -15.18 12.71 -0.43
CA SER A 5 -13.79 12.72 0.01
C SER A 5 -13.30 11.30 0.31
N SER A 6 -12.00 11.10 0.19
CA SER A 6 -11.40 9.78 0.43
C SER A 6 -10.45 9.84 1.62
N GLY A 7 -10.24 8.69 2.26
CA GLY A 7 -9.35 8.62 3.40
C GLY A 7 -7.95 8.16 3.02
N VAL A 8 -7.54 8.48 1.80
CA VAL A 8 -6.23 8.09 1.32
C VAL A 8 -5.43 9.30 0.85
N ASP A 9 -4.10 9.22 0.98
CA ASP A 9 -3.23 10.31 0.56
C ASP A 9 -2.71 10.08 -0.85
N GLU A 10 -3.42 10.65 -1.83
CA GLU A 10 -3.02 10.51 -3.23
C GLU A 10 -1.51 10.63 -3.39
N LYS A 11 -0.93 11.60 -2.70
CA LYS A 11 0.52 11.83 -2.77
C LYS A 11 1.28 10.53 -2.47
N ALA A 12 0.82 9.79 -1.47
CA ALA A 12 1.46 8.54 -1.10
C ALA A 12 0.99 7.40 -1.99
N LEU A 13 -0.29 7.40 -2.33
CA LEU A 13 -0.86 6.37 -3.18
C LEU A 13 -0.14 6.30 -4.52
N LYS A 14 0.01 7.46 -5.16
CA LYS A 14 0.70 7.53 -6.45
C LYS A 14 2.07 6.88 -6.38
N HIS A 15 2.85 7.26 -5.36
CA HIS A 15 4.18 6.71 -5.17
C HIS A 15 4.17 5.19 -5.27
N ILE A 16 3.18 4.57 -4.61
CA ILE A 16 3.05 3.12 -4.63
C ILE A 16 2.63 2.62 -6.00
N THR A 17 1.46 3.05 -6.46
CA THR A 17 0.95 2.65 -7.75
C THR A 17 2.07 2.49 -8.77
N GLU A 18 3.07 3.37 -8.68
CA GLU A 18 4.21 3.32 -9.60
C GLU A 18 4.82 1.92 -9.63
N MET A 19 5.07 1.36 -8.44
CA MET A 19 5.66 0.03 -8.33
C MET A 19 4.80 -1.00 -9.07
N GLY A 20 3.52 -0.70 -9.23
CA GLY A 20 2.62 -1.61 -9.91
C GLY A 20 1.60 -2.22 -8.99
N PHE A 21 0.71 -1.38 -8.45
CA PHE A 21 -0.32 -1.84 -7.53
C PHE A 21 -1.68 -1.24 -7.90
N SER A 22 -2.70 -2.08 -7.93
CA SER A 22 -4.05 -1.63 -8.26
C SER A 22 -4.46 -0.44 -7.40
N LYS A 23 -4.78 0.67 -8.05
CA LYS A 23 -5.18 1.88 -7.35
C LYS A 23 -5.97 1.54 -6.09
N GLU A 24 -6.82 0.52 -6.18
CA GLU A 24 -7.63 0.10 -5.04
C GLU A 24 -6.77 -0.58 -3.99
N ALA A 25 -5.91 -1.51 -4.43
CA ALA A 25 -5.04 -2.24 -3.54
C ALA A 25 -4.19 -1.28 -2.70
N SER A 26 -3.54 -0.34 -3.36
CA SER A 26 -2.71 0.64 -2.67
C SER A 26 -3.55 1.61 -1.86
N ARG A 27 -4.44 2.32 -2.53
CA ARG A 27 -5.31 3.28 -1.87
C ARG A 27 -5.94 2.68 -0.62
N GLN A 28 -6.81 1.68 -0.82
CA GLN A 28 -7.48 1.02 0.29
C GLN A 28 -6.50 0.75 1.43
N ALA A 29 -5.40 0.05 1.11
CA ALA A 29 -4.39 -0.26 2.11
C ALA A 29 -4.01 0.97 2.92
N LEU A 30 -3.62 2.03 2.23
CA LEU A 30 -3.22 3.27 2.89
C LEU A 30 -4.27 3.70 3.92
N MET A 31 -5.52 3.78 3.47
CA MET A 31 -6.62 4.17 4.35
C MET A 31 -6.71 3.25 5.56
N ASP A 32 -6.37 1.99 5.36
CA ASP A 32 -6.40 1.01 6.45
C ASP A 32 -5.23 1.22 7.41
N ASN A 33 -4.06 1.50 6.85
CA ASN A 33 -2.86 1.72 7.66
C ASN A 33 -2.77 3.18 8.09
N GLY A 34 -3.74 3.98 7.68
CA GLY A 34 -3.75 5.38 8.04
C GLY A 34 -2.86 6.21 7.15
N ASN A 35 -3.17 6.22 5.85
CA ASN A 35 -2.40 6.98 4.88
C ASN A 35 -0.90 6.74 5.07
N ASN A 36 -0.56 5.54 5.54
CA ASN A 36 0.84 5.19 5.76
C ASN A 36 1.51 4.75 4.46
N LEU A 37 2.30 5.64 3.88
CA LEU A 37 3.00 5.33 2.63
C LEU A 37 3.75 4.01 2.73
N GLU A 38 4.57 3.88 3.76
CA GLU A 38 5.35 2.67 3.98
C GLU A 38 4.44 1.48 4.27
N ALA A 39 3.79 1.51 5.44
CA ALA A 39 2.89 0.44 5.84
C ALA A 39 2.07 -0.06 4.66
N ALA A 40 1.56 0.88 3.86
CA ALA A 40 0.76 0.53 2.68
C ALA A 40 1.33 -0.70 1.98
N LEU A 41 2.52 -0.55 1.40
CA LEU A 41 3.17 -1.64 0.69
C LEU A 41 3.18 -2.91 1.54
N ASN A 42 3.78 -2.82 2.73
CA ASN A 42 3.85 -3.96 3.63
C ASN A 42 2.61 -4.83 3.51
N VAL A 43 1.44 -4.20 3.59
CA VAL A 43 0.17 -4.92 3.49
C VAL A 43 0.02 -5.56 2.11
N LEU A 44 0.35 -4.81 1.07
CA LEU A 44 0.24 -5.30 -0.30
C LEU A 44 1.16 -6.50 -0.52
N LEU A 45 2.34 -6.45 0.08
CA LEU A 45 3.31 -7.53 -0.04
C LEU A 45 2.91 -8.72 0.81
N THR A 46 2.74 -8.49 2.11
CA THR A 46 2.35 -9.56 3.03
C THR A 46 1.22 -10.40 2.45
N SER A 47 0.17 -9.74 1.96
CA SER A 47 -0.97 -10.43 1.39
C SER A 47 -0.54 -11.32 0.23
N ASN A 48 0.12 -10.71 -0.76
CA ASN A 48 0.58 -11.45 -1.93
C ASN A 48 1.60 -12.52 -1.52
N LYS A 49 1.76 -13.53 -2.37
CA LYS A 49 2.69 -14.62 -2.11
C LYS A 49 4.07 -14.30 -2.69
N GLN A 50 4.38 -13.01 -2.79
CA GLN A 50 5.67 -12.58 -3.33
C GLN A 50 6.81 -13.01 -2.41
N LYS A 51 8.03 -12.96 -2.93
CA LYS A 51 9.21 -13.35 -2.16
C LYS A 51 9.40 -12.43 -0.96
N PRO A 52 9.83 -13.03 0.17
CA PRO A 52 10.06 -12.27 1.41
C PRO A 52 11.26 -11.34 1.31
N VAL A 53 11.19 -10.23 2.02
CA VAL A 53 12.28 -9.25 2.01
C VAL A 53 12.81 -9.01 3.42
N MET A 54 14.13 -8.88 3.53
CA MET A 54 14.76 -8.64 4.83
C MET A 54 15.13 -7.17 5.00
N GLY A 55 14.75 -6.59 6.13
CA GLY A 55 15.05 -5.19 6.38
C GLY A 55 15.70 -4.98 7.73
N PRO A 56 16.61 -4.00 7.82
CA PRO A 56 17.32 -3.67 9.05
C PRO A 56 16.40 -3.05 10.10
N PRO A 57 16.72 -3.28 11.38
CA PRO A 57 15.94 -2.76 12.50
C PRO A 57 16.08 -1.24 12.64
N SER A 58 14.96 -0.54 12.55
CA SER A 58 14.96 0.91 12.67
C SER A 58 14.40 1.36 14.01
N GLY A 59 14.56 2.64 14.33
CA GLY A 59 14.06 3.17 15.58
C GLY A 59 12.89 4.10 15.40
N PRO A 60 12.65 4.96 16.39
CA PRO A 60 11.54 5.94 16.36
C PRO A 60 11.78 7.04 15.34
N SER A 61 11.09 6.94 14.21
CA SER A 61 11.22 7.93 13.14
C SER A 61 10.60 9.26 13.56
N SER A 62 9.37 9.19 14.08
CA SER A 62 8.66 10.38 14.52
C SER A 62 8.23 10.26 15.98
N GLY A 63 7.67 11.34 16.51
CA GLY A 63 7.21 11.33 17.89
C GLY A 63 6.06 10.36 18.11
N GLY A 1 -10.46 11.92 10.67
CA GLY A 1 -11.16 10.67 10.46
C GLY A 1 -11.74 10.56 9.05
N SER A 2 -10.88 10.26 8.08
CA SER A 2 -11.31 10.13 6.70
C SER A 2 -11.86 11.46 6.18
N SER A 3 -11.18 12.55 6.51
CA SER A 3 -11.59 13.87 6.08
C SER A 3 -11.51 14.00 4.56
N GLY A 4 -12.62 14.42 3.96
CA GLY A 4 -12.66 14.57 2.51
C GLY A 4 -13.35 13.40 1.82
N SER A 5 -13.53 13.52 0.51
CA SER A 5 -14.18 12.47 -0.26
C SER A 5 -13.59 11.11 0.06
N SER A 6 -12.26 11.03 0.03
CA SER A 6 -11.56 9.78 0.31
C SER A 6 -10.75 9.89 1.60
N GLY A 7 -10.19 8.77 2.03
CA GLY A 7 -9.40 8.75 3.25
C GLY A 7 -7.96 8.33 3.01
N VAL A 8 -7.50 8.50 1.78
CA VAL A 8 -6.13 8.13 1.41
C VAL A 8 -5.36 9.33 0.90
N ASP A 9 -4.04 9.31 1.11
CA ASP A 9 -3.18 10.40 0.66
C ASP A 9 -2.64 10.13 -0.75
N GLU A 10 -3.33 10.67 -1.75
CA GLU A 10 -2.92 10.48 -3.14
C GLU A 10 -1.40 10.50 -3.26
N LYS A 11 -0.79 11.54 -2.70
CA LYS A 11 0.67 11.69 -2.75
C LYS A 11 1.36 10.38 -2.38
N ALA A 12 0.87 9.75 -1.31
CA ALA A 12 1.45 8.49 -0.86
C ALA A 12 0.99 7.33 -1.73
N LEU A 13 -0.25 7.39 -2.20
CA LEU A 13 -0.80 6.35 -3.05
C LEU A 13 -0.01 6.23 -4.35
N LYS A 14 0.03 7.32 -5.12
CA LYS A 14 0.75 7.34 -6.39
C LYS A 14 2.10 6.65 -6.25
N HIS A 15 2.91 7.13 -5.33
CA HIS A 15 4.24 6.56 -5.10
C HIS A 15 4.19 5.04 -5.18
N ILE A 16 3.11 4.45 -4.66
CA ILE A 16 2.94 3.00 -4.68
C ILE A 16 2.54 2.52 -6.06
N THR A 17 1.37 2.98 -6.53
CA THR A 17 0.86 2.59 -7.84
C THR A 17 1.99 2.51 -8.86
N GLU A 18 3.07 3.26 -8.62
CA GLU A 18 4.21 3.27 -9.52
C GLU A 18 4.88 1.90 -9.57
N MET A 19 5.09 1.32 -8.40
CA MET A 19 5.73 0.00 -8.30
C MET A 19 4.86 -1.07 -8.96
N GLY A 20 3.58 -0.77 -9.13
CA GLY A 20 2.67 -1.71 -9.76
C GLY A 20 1.68 -2.30 -8.76
N PHE A 21 0.72 -1.48 -8.34
CA PHE A 21 -0.29 -1.93 -7.39
C PHE A 21 -1.66 -1.35 -7.73
N SER A 22 -2.62 -2.22 -8.02
CA SER A 22 -3.96 -1.79 -8.38
C SER A 22 -4.35 -0.54 -7.60
N LYS A 23 -4.51 0.58 -8.33
CA LYS A 23 -4.87 1.84 -7.71
C LYS A 23 -5.90 1.63 -6.59
N GLU A 24 -6.77 0.65 -6.78
CA GLU A 24 -7.80 0.34 -5.78
C GLU A 24 -7.19 -0.34 -4.56
N ALA A 25 -6.38 -1.37 -4.81
CA ALA A 25 -5.73 -2.10 -3.73
C ALA A 25 -4.93 -1.16 -2.83
N SER A 26 -4.07 -0.35 -3.44
CA SER A 26 -3.25 0.59 -2.69
C SER A 26 -4.11 1.56 -1.90
N ARG A 27 -4.93 2.32 -2.62
CA ARG A 27 -5.81 3.30 -1.98
C ARG A 27 -6.33 2.77 -0.64
N GLN A 28 -7.10 1.69 -0.70
CA GLN A 28 -7.66 1.08 0.51
C GLN A 28 -6.57 0.83 1.54
N ALA A 29 -5.53 0.11 1.13
CA ALA A 29 -4.42 -0.22 2.01
C ALA A 29 -4.05 0.98 2.89
N LEU A 30 -3.58 2.05 2.25
CA LEU A 30 -3.18 3.25 2.96
C LEU A 30 -4.24 3.65 3.99
N MET A 31 -5.49 3.75 3.54
CA MET A 31 -6.59 4.11 4.41
C MET A 31 -6.67 3.16 5.62
N ASP A 32 -6.30 1.91 5.40
CA ASP A 32 -6.32 0.92 6.46
C ASP A 32 -5.17 1.14 7.44
N ASN A 33 -4.02 1.56 6.92
CA ASN A 33 -2.85 1.81 7.75
C ASN A 33 -2.84 3.26 8.24
N GLY A 34 -3.77 4.07 7.74
CA GLY A 34 -3.84 5.46 8.14
C GLY A 34 -2.95 6.35 7.28
N ASN A 35 -3.11 6.27 5.97
CA ASN A 35 -2.31 7.06 5.05
C ASN A 35 -0.82 6.76 5.20
N ASN A 36 -0.52 5.53 5.63
CA ASN A 36 0.86 5.11 5.82
C ASN A 36 1.52 4.78 4.48
N LEU A 37 2.43 5.63 4.04
CA LEU A 37 3.13 5.43 2.78
C LEU A 37 3.84 4.08 2.77
N GLU A 38 4.75 3.89 3.72
CA GLU A 38 5.50 2.64 3.83
C GLU A 38 4.58 1.48 4.18
N ALA A 39 4.05 1.49 5.39
CA ALA A 39 3.15 0.44 5.85
C ALA A 39 2.23 -0.03 4.72
N ALA A 40 1.72 0.91 3.95
CA ALA A 40 0.84 0.59 2.83
C ALA A 40 1.36 -0.62 2.04
N LEU A 41 2.55 -0.46 1.45
CA LEU A 41 3.15 -1.53 0.68
C LEU A 41 3.24 -2.82 1.49
N ASN A 42 3.90 -2.75 2.64
CA ASN A 42 4.05 -3.91 3.51
C ASN A 42 2.80 -4.79 3.47
N VAL A 43 1.64 -4.17 3.67
CA VAL A 43 0.38 -4.89 3.65
C VAL A 43 0.14 -5.54 2.30
N LEU A 44 0.31 -4.77 1.23
CA LEU A 44 0.12 -5.28 -0.13
C LEU A 44 1.13 -6.37 -0.45
N LEU A 45 2.27 -6.33 0.22
CA LEU A 45 3.32 -7.32 0.01
C LEU A 45 3.07 -8.58 0.85
N THR A 46 3.19 -8.43 2.16
CA THR A 46 2.98 -9.55 3.07
C THR A 46 1.84 -10.44 2.59
N SER A 47 0.88 -9.84 1.91
CA SER A 47 -0.28 -10.58 1.39
C SER A 47 0.05 -11.22 0.04
N ASN A 48 0.65 -10.43 -0.84
CA ASN A 48 1.01 -10.92 -2.17
C ASN A 48 2.29 -11.75 -2.11
N LYS A 49 2.16 -13.00 -1.69
CA LYS A 49 3.30 -13.91 -1.58
C LYS A 49 2.88 -15.34 -1.84
N GLN A 50 3.79 -16.13 -2.38
CA GLN A 50 3.52 -17.54 -2.68
C GLN A 50 2.79 -18.20 -1.51
N LYS A 51 1.70 -18.88 -1.81
CA LYS A 51 0.91 -19.56 -0.79
C LYS A 51 0.80 -21.06 -1.09
N PRO A 52 0.80 -21.87 -0.03
CA PRO A 52 0.70 -23.33 -0.16
C PRO A 52 -0.68 -23.78 -0.63
N VAL A 53 -0.86 -25.09 -0.75
CA VAL A 53 -2.14 -25.65 -1.18
C VAL A 53 -3.19 -25.55 -0.08
N MET A 54 -4.27 -24.82 -0.35
CA MET A 54 -5.34 -24.65 0.62
C MET A 54 -6.68 -24.44 -0.08
N GLY A 55 -7.76 -24.80 0.60
CA GLY A 55 -9.08 -24.65 0.01
C GLY A 55 -9.50 -23.19 -0.07
N PRO A 56 -10.82 -22.96 -0.16
CA PRO A 56 -11.39 -21.62 -0.25
C PRO A 56 -11.24 -20.84 1.06
N PRO A 57 -11.13 -19.50 0.94
CA PRO A 57 -10.97 -18.62 2.09
C PRO A 57 -12.25 -18.53 2.93
N SER A 58 -12.14 -17.94 4.11
CA SER A 58 -13.28 -17.79 5.00
C SER A 58 -14.35 -16.89 4.38
N GLY A 59 -15.41 -16.63 5.14
CA GLY A 59 -16.48 -15.79 4.65
C GLY A 59 -17.39 -16.52 3.68
N PRO A 60 -18.12 -15.75 2.85
CA PRO A 60 -19.05 -16.31 1.87
C PRO A 60 -18.33 -17.02 0.74
N SER A 61 -19.02 -17.97 0.10
CA SER A 61 -18.43 -18.72 -1.00
C SER A 61 -19.53 -19.33 -1.88
N SER A 62 -19.21 -19.54 -3.15
CA SER A 62 -20.17 -20.12 -4.09
C SER A 62 -19.98 -21.63 -4.20
N GLY A 63 -20.99 -22.37 -3.74
CA GLY A 63 -20.91 -23.82 -3.80
C GLY A 63 -22.25 -24.46 -4.09
N GLY A 1 -8.93 16.23 10.44
CA GLY A 1 -9.94 15.46 9.71
C GLY A 1 -9.58 15.29 8.25
N SER A 2 -10.34 14.45 7.55
CA SER A 2 -10.11 14.19 6.14
C SER A 2 -10.34 15.45 5.31
N SER A 3 -9.60 15.57 4.21
CA SER A 3 -9.71 16.73 3.34
C SER A 3 -10.76 16.48 2.25
N GLY A 4 -10.54 15.44 1.46
CA GLY A 4 -11.47 15.11 0.39
C GLY A 4 -12.38 13.95 0.76
N SER A 5 -13.21 13.54 -0.19
CA SER A 5 -14.15 12.45 0.03
C SER A 5 -13.45 11.26 0.70
N SER A 6 -12.42 10.76 0.05
CA SER A 6 -11.67 9.62 0.58
C SER A 6 -10.61 10.08 1.57
N GLY A 7 -10.26 9.20 2.50
CA GLY A 7 -9.26 9.54 3.50
C GLY A 7 -7.91 8.93 3.19
N VAL A 8 -7.42 9.15 1.98
CA VAL A 8 -6.13 8.63 1.55
C VAL A 8 -5.26 9.72 0.95
N ASP A 9 -3.95 9.65 1.22
CA ASP A 9 -3.02 10.64 0.70
C ASP A 9 -2.56 10.26 -0.70
N GLU A 10 -3.21 10.85 -1.70
CA GLU A 10 -2.88 10.57 -3.10
C GLU A 10 -1.37 10.50 -3.29
N LYS A 11 -0.66 11.50 -2.78
CA LYS A 11 0.80 11.55 -2.89
C LYS A 11 1.41 10.21 -2.49
N ALA A 12 0.93 9.65 -1.39
CA ALA A 12 1.44 8.36 -0.91
C ALA A 12 0.87 7.21 -1.73
N LEU A 13 -0.33 7.39 -2.24
CA LEU A 13 -0.99 6.36 -3.04
C LEU A 13 -0.28 6.19 -4.38
N LYS A 14 -0.29 7.24 -5.20
CA LYS A 14 0.35 7.20 -6.50
C LYS A 14 1.77 6.67 -6.40
N HIS A 15 2.58 7.31 -5.56
CA HIS A 15 3.96 6.90 -5.36
C HIS A 15 4.09 5.38 -5.40
N ILE A 16 3.15 4.70 -4.75
CA ILE A 16 3.15 3.24 -4.72
C ILE A 16 2.78 2.66 -6.08
N THR A 17 1.60 3.02 -6.56
CA THR A 17 1.12 2.53 -7.84
C THR A 17 2.27 2.37 -8.84
N GLU A 18 3.28 3.22 -8.71
CA GLU A 18 4.44 3.19 -9.59
C GLU A 18 5.05 1.78 -9.61
N MET A 19 5.30 1.23 -8.42
CA MET A 19 5.88 -0.10 -8.31
C MET A 19 5.00 -1.14 -9.00
N GLY A 20 3.74 -0.81 -9.20
CA GLY A 20 2.81 -1.73 -9.84
C GLY A 20 1.79 -2.29 -8.87
N PHE A 21 0.97 -1.41 -8.30
CA PHE A 21 -0.05 -1.83 -7.35
C PHE A 21 -1.39 -1.18 -7.67
N SER A 22 -2.35 -2.00 -8.08
CA SER A 22 -3.68 -1.51 -8.43
C SER A 22 -4.10 -0.38 -7.49
N LYS A 23 -4.49 0.75 -8.08
CA LYS A 23 -4.92 1.91 -7.29
C LYS A 23 -5.89 1.48 -6.20
N GLU A 24 -6.68 0.45 -6.47
CA GLU A 24 -7.65 -0.04 -5.50
C GLU A 24 -6.95 -0.68 -4.30
N ALA A 25 -6.05 -1.62 -4.59
CA ALA A 25 -5.32 -2.32 -3.54
C ALA A 25 -4.54 -1.32 -2.67
N SER A 26 -3.89 -0.37 -3.32
CA SER A 26 -3.10 0.64 -2.61
C SER A 26 -4.02 1.58 -1.83
N ARG A 27 -4.90 2.26 -2.53
CA ARG A 27 -5.83 3.19 -1.90
C ARG A 27 -6.36 2.63 -0.59
N GLN A 28 -6.98 1.46 -0.67
CA GLN A 28 -7.54 0.81 0.52
C GLN A 28 -6.49 0.68 1.61
N ALA A 29 -5.35 0.08 1.26
CA ALA A 29 -4.26 -0.11 2.21
C ALA A 29 -4.05 1.13 3.07
N LEU A 30 -3.60 2.21 2.43
CA LEU A 30 -3.34 3.47 3.12
C LEU A 30 -4.50 3.81 4.06
N MET A 31 -5.71 3.83 3.51
CA MET A 31 -6.91 4.14 4.29
C MET A 31 -6.95 3.30 5.57
N ASP A 32 -6.34 2.12 5.51
CA ASP A 32 -6.31 1.23 6.67
C ASP A 32 -5.12 1.55 7.57
N ASN A 33 -4.05 2.06 6.97
CA ASN A 33 -2.85 2.41 7.73
C ASN A 33 -2.84 3.89 8.07
N GLY A 34 -4.00 4.53 7.98
CA GLY A 34 -4.10 5.94 8.28
C GLY A 34 -3.22 6.79 7.38
N ASN A 35 -3.17 6.44 6.11
CA ASN A 35 -2.35 7.17 5.14
C ASN A 35 -0.87 6.88 5.36
N ASN A 36 -0.55 5.61 5.54
CA ASN A 36 0.84 5.21 5.76
C ASN A 36 1.51 4.85 4.44
N LEU A 37 2.49 5.64 4.04
CA LEU A 37 3.21 5.40 2.79
C LEU A 37 3.98 4.08 2.85
N GLU A 38 4.74 3.89 3.93
CA GLU A 38 5.51 2.67 4.11
C GLU A 38 4.60 1.48 4.39
N ALA A 39 3.97 1.49 5.56
CA ALA A 39 3.06 0.41 5.95
C ALA A 39 2.21 -0.04 4.77
N ALA A 40 1.80 0.92 3.95
CA ALA A 40 0.97 0.62 2.78
C ALA A 40 1.50 -0.60 2.03
N LEU A 41 2.68 -0.46 1.45
CA LEU A 41 3.30 -1.55 0.70
C LEU A 41 3.30 -2.84 1.52
N ASN A 42 3.89 -2.78 2.71
CA ASN A 42 3.96 -3.94 3.59
C ASN A 42 2.72 -4.80 3.44
N VAL A 43 1.56 -4.18 3.50
CA VAL A 43 0.29 -4.90 3.38
C VAL A 43 0.13 -5.48 1.98
N LEU A 44 0.33 -4.65 0.97
CA LEU A 44 0.21 -5.08 -0.43
C LEU A 44 1.19 -6.21 -0.73
N LEU A 45 2.28 -6.25 0.02
CA LEU A 45 3.30 -7.28 -0.16
C LEU A 45 2.98 -8.52 0.68
N THR A 46 2.49 -8.29 1.89
CA THR A 46 2.15 -9.38 2.79
C THR A 46 0.95 -10.17 2.27
N SER A 47 -0.06 -9.46 1.79
CA SER A 47 -1.26 -10.09 1.25
C SER A 47 -0.93 -11.00 0.08
N ASN A 48 -0.26 -10.44 -0.92
CA ASN A 48 0.12 -11.21 -2.11
C ASN A 48 0.87 -12.47 -1.72
N LYS A 49 1.36 -13.20 -2.72
CA LYS A 49 2.09 -14.43 -2.49
C LYS A 49 3.60 -14.17 -2.43
N GLN A 50 3.97 -12.96 -2.02
CA GLN A 50 5.38 -12.58 -1.92
C GLN A 50 6.03 -13.21 -0.70
N LYS A 51 7.35 -13.35 -0.74
CA LYS A 51 8.09 -13.94 0.36
C LYS A 51 8.01 -13.06 1.61
N PRO A 52 7.95 -13.70 2.78
CA PRO A 52 7.87 -12.99 4.06
C PRO A 52 9.17 -12.27 4.41
N VAL A 53 9.04 -11.02 4.85
CA VAL A 53 10.21 -10.23 5.22
C VAL A 53 10.27 -10.00 6.72
N MET A 54 11.48 -9.92 7.26
CA MET A 54 11.66 -9.69 8.69
C MET A 54 11.82 -8.20 9.00
N GLY A 55 11.05 -7.72 9.96
CA GLY A 55 11.11 -6.32 10.34
C GLY A 55 10.67 -6.08 11.76
N PRO A 56 11.29 -5.08 12.42
CA PRO A 56 10.95 -4.73 13.81
C PRO A 56 9.59 -4.09 13.93
N PRO A 57 9.03 -4.12 15.15
CA PRO A 57 7.70 -3.54 15.44
C PRO A 57 7.71 -2.02 15.37
N SER A 58 7.39 -1.48 14.20
CA SER A 58 7.36 -0.04 14.00
C SER A 58 6.14 0.37 13.17
N GLY A 59 5.69 1.61 13.35
CA GLY A 59 4.55 2.11 12.62
C GLY A 59 3.97 3.37 13.22
N PRO A 60 4.58 4.52 12.90
CA PRO A 60 4.15 5.82 13.41
C PRO A 60 2.81 6.25 12.81
N SER A 61 1.98 6.89 13.62
CA SER A 61 0.67 7.35 13.18
C SER A 61 0.38 8.75 13.71
N SER A 62 -0.64 9.38 13.15
CA SER A 62 -1.02 10.73 13.56
C SER A 62 -2.39 10.72 14.23
N GLY A 63 -2.55 11.53 15.27
CA GLY A 63 -3.81 11.62 15.98
C GLY A 63 -3.68 12.27 17.33
N GLY A 1 -6.87 15.89 3.93
CA GLY A 1 -6.23 16.73 2.92
C GLY A 1 -6.65 18.18 3.03
N SER A 2 -6.53 18.92 1.93
CA SER A 2 -6.90 20.33 1.91
C SER A 2 -8.08 20.57 0.98
N SER A 3 -7.94 20.13 -0.26
CA SER A 3 -9.00 20.31 -1.25
C SER A 3 -10.19 19.43 -0.93
N GLY A 4 -9.97 18.12 -0.87
CA GLY A 4 -11.03 17.19 -0.57
C GLY A 4 -10.66 16.22 0.55
N SER A 5 -11.66 15.53 1.08
CA SER A 5 -11.44 14.57 2.15
C SER A 5 -11.92 13.18 1.76
N SER A 6 -11.06 12.43 1.08
CA SER A 6 -11.40 11.08 0.64
C SER A 6 -11.03 10.05 1.70
N GLY A 7 -9.83 10.19 2.26
CA GLY A 7 -9.38 9.26 3.28
C GLY A 7 -7.97 8.77 3.03
N VAL A 8 -7.65 8.52 1.77
CA VAL A 8 -6.32 8.03 1.39
C VAL A 8 -5.43 9.18 0.90
N ASP A 9 -4.14 9.08 1.19
CA ASP A 9 -3.19 10.10 0.78
C ASP A 9 -2.75 9.88 -0.67
N GLU A 10 -3.32 10.66 -1.58
CA GLU A 10 -2.98 10.54 -3.00
C GLU A 10 -1.46 10.50 -3.19
N LYS A 11 -0.78 11.52 -2.67
CA LYS A 11 0.67 11.60 -2.79
C LYS A 11 1.32 10.27 -2.39
N ALA A 12 0.84 9.69 -1.31
CA ALA A 12 1.38 8.42 -0.83
C ALA A 12 0.89 7.26 -1.69
N LEU A 13 -0.25 7.44 -2.34
CA LEU A 13 -0.82 6.41 -3.19
C LEU A 13 -0.03 6.28 -4.49
N LYS A 14 -0.08 7.32 -5.31
CA LYS A 14 0.63 7.33 -6.58
C LYS A 14 2.05 6.80 -6.41
N HIS A 15 2.72 7.25 -5.36
CA HIS A 15 4.09 6.82 -5.08
C HIS A 15 4.19 5.29 -5.08
N ILE A 16 3.15 4.64 -4.59
CA ILE A 16 3.13 3.18 -4.54
C ILE A 16 2.74 2.59 -5.90
N THR A 17 1.58 2.99 -6.41
CA THR A 17 1.09 2.50 -7.69
C THR A 17 2.23 2.42 -8.71
N GLU A 18 3.21 3.31 -8.57
CA GLU A 18 4.34 3.35 -9.48
C GLU A 18 5.04 1.98 -9.53
N MET A 19 5.25 1.39 -8.36
CA MET A 19 5.89 0.09 -8.27
C MET A 19 5.11 -0.97 -9.06
N GLY A 20 3.81 -0.76 -9.18
CA GLY A 20 2.97 -1.70 -9.90
C GLY A 20 1.87 -2.28 -9.04
N PHE A 21 1.23 -1.43 -8.26
CA PHE A 21 0.15 -1.88 -7.37
C PHE A 21 -1.20 -1.33 -7.84
N SER A 22 -2.25 -2.13 -7.69
CA SER A 22 -3.59 -1.73 -8.09
C SER A 22 -4.05 -0.51 -7.32
N LYS A 23 -4.53 0.50 -8.03
CA LYS A 23 -5.01 1.72 -7.41
C LYS A 23 -6.04 1.41 -6.32
N GLU A 24 -6.90 0.43 -6.58
CA GLU A 24 -7.92 0.04 -5.62
C GLU A 24 -7.30 -0.59 -4.38
N ALA A 25 -6.24 -1.38 -4.58
CA ALA A 25 -5.55 -2.03 -3.48
C ALA A 25 -4.76 -1.03 -2.65
N SER A 26 -3.99 -0.18 -3.32
CA SER A 26 -3.19 0.83 -2.64
C SER A 26 -4.07 1.87 -1.97
N ARG A 27 -5.06 2.36 -2.70
CA ARG A 27 -5.98 3.36 -2.19
C ARG A 27 -6.55 2.93 -0.84
N GLN A 28 -7.13 1.73 -0.81
CA GLN A 28 -7.72 1.20 0.42
C GLN A 28 -6.64 0.93 1.47
N ALA A 29 -5.64 0.13 1.10
CA ALA A 29 -4.55 -0.20 2.00
C ALA A 29 -4.13 1.02 2.81
N LEU A 30 -3.75 2.08 2.12
CA LEU A 30 -3.31 3.31 2.79
C LEU A 30 -4.30 3.71 3.88
N MET A 31 -5.58 3.80 3.51
CA MET A 31 -6.62 4.17 4.46
C MET A 31 -6.64 3.23 5.66
N ASP A 32 -6.35 1.95 5.40
CA ASP A 32 -6.33 0.94 6.45
C ASP A 32 -5.16 1.18 7.41
N ASN A 33 -3.99 1.48 6.85
CA ASN A 33 -2.80 1.72 7.65
C ASN A 33 -2.78 3.16 8.16
N GLY A 34 -3.65 3.99 7.61
CA GLY A 34 -3.72 5.38 8.03
C GLY A 34 -2.77 6.27 7.24
N ASN A 35 -2.95 6.30 5.92
CA ASN A 35 -2.11 7.10 5.04
C ASN A 35 -0.64 6.77 5.26
N ASN A 36 -0.35 5.50 5.48
CA ASN A 36 1.02 5.05 5.70
C ASN A 36 1.70 4.72 4.37
N LEU A 37 2.55 5.64 3.90
CA LEU A 37 3.26 5.44 2.64
C LEU A 37 3.96 4.08 2.62
N GLU A 38 4.80 3.84 3.61
CA GLU A 38 5.53 2.58 3.71
C GLU A 38 4.59 1.44 4.08
N ALA A 39 4.08 1.48 5.31
CA ALA A 39 3.17 0.44 5.78
C ALA A 39 2.24 -0.04 4.66
N ALA A 40 1.79 0.90 3.84
CA ALA A 40 0.90 0.57 2.73
C ALA A 40 1.42 -0.63 1.95
N LEU A 41 2.59 -0.47 1.35
CA LEU A 41 3.20 -1.55 0.57
C LEU A 41 3.27 -2.84 1.37
N ASN A 42 3.92 -2.76 2.53
CA ASN A 42 4.06 -3.92 3.40
C ASN A 42 2.82 -4.81 3.33
N VAL A 43 1.69 -4.27 3.78
CA VAL A 43 0.43 -5.01 3.76
C VAL A 43 0.21 -5.70 2.42
N LEU A 44 0.33 -4.94 1.34
CA LEU A 44 0.15 -5.47 -0.01
C LEU A 44 1.17 -6.57 -0.29
N LEU A 45 2.35 -6.43 0.28
CA LEU A 45 3.41 -7.42 0.08
C LEU A 45 3.10 -8.71 0.82
N THR A 46 2.95 -8.61 2.14
CA THR A 46 2.64 -9.77 2.97
C THR A 46 1.39 -10.49 2.48
N SER A 47 0.41 -9.70 2.03
CA SER A 47 -0.85 -10.25 1.53
C SER A 47 -0.75 -10.55 0.04
N ASN A 48 0.42 -10.94 -0.41
CA ASN A 48 0.64 -11.25 -1.82
C ASN A 48 1.63 -12.40 -1.98
N LYS A 49 1.24 -13.41 -2.75
CA LYS A 49 2.09 -14.57 -2.99
C LYS A 49 3.21 -14.23 -3.96
N GLN A 50 4.35 -14.91 -3.80
CA GLN A 50 5.51 -14.68 -4.66
C GLN A 50 6.05 -15.99 -5.20
N LYS A 51 6.40 -15.99 -6.49
CA LYS A 51 6.93 -17.19 -7.14
C LYS A 51 8.40 -17.40 -6.76
N PRO A 52 8.77 -18.66 -6.51
CA PRO A 52 10.15 -19.02 -6.15
C PRO A 52 11.12 -18.85 -7.31
N VAL A 53 12.37 -18.51 -6.99
CA VAL A 53 13.39 -18.32 -8.01
C VAL A 53 14.40 -19.46 -7.99
N MET A 54 14.31 -20.33 -9.00
CA MET A 54 15.21 -21.47 -9.10
C MET A 54 16.56 -21.04 -9.70
N GLY A 55 17.07 -19.91 -9.24
CA GLY A 55 18.34 -19.42 -9.74
C GLY A 55 19.42 -19.40 -8.67
N PRO A 56 20.48 -18.61 -8.91
CA PRO A 56 21.61 -18.49 -7.98
C PRO A 56 21.22 -17.75 -6.70
N PRO A 57 21.86 -18.10 -5.58
CA PRO A 57 21.61 -17.47 -4.28
C PRO A 57 22.11 -16.03 -4.23
N SER A 58 21.61 -15.28 -3.25
CA SER A 58 22.01 -13.89 -3.08
C SER A 58 23.41 -13.78 -2.50
N GLY A 59 24.36 -13.35 -3.32
CA GLY A 59 25.73 -13.21 -2.86
C GLY A 59 26.61 -14.36 -3.30
N PRO A 60 27.12 -14.28 -4.55
CA PRO A 60 27.98 -15.32 -5.11
C PRO A 60 29.35 -15.37 -4.44
N SER A 61 29.72 -14.27 -3.78
CA SER A 61 31.01 -14.18 -3.11
C SER A 61 30.87 -14.53 -1.63
N SER A 62 31.87 -15.21 -1.10
CA SER A 62 31.87 -15.62 0.31
C SER A 62 31.22 -14.55 1.17
N GLY A 63 30.32 -14.96 2.05
CA GLY A 63 29.65 -14.03 2.93
C GLY A 63 30.25 -14.00 4.32
#